data_8IAA
#
_entry.id   8IAA
#
_cell.length_a   133.975
_cell.length_b   133.975
_cell.length_c   160.109
_cell.angle_alpha   90.00
_cell.angle_beta   90.00
_cell.angle_gamma   90.00
#
_symmetry.space_group_name_H-M   'P 43 21 2'
#
loop_
_entity.id
_entity.type
_entity.pdbx_description
1 polymer 'Demethylmacrocin O-methyltransferase'
2 non-polymer S-ADENOSYL-L-HOMOCYSTEINE
3 non-polymer 'MAGNESIUM ION'
4 water water
#
_entity_poly.entity_id   1
_entity_poly.type   'polypeptide(L)'
_entity_poly.pdbx_seq_one_letter_code
;MSTTHEIETVERIILAAGSSAASLADLTTELGLARIAPVLIDEILFRAEPAPDIERTEVAVQITHRGETVDFVLTLQSGE
LIKAEQRPVGDVPLRIGYELTDLIAELFGPGAPRAVGARSTNFLRTTTSGSIPGPSELSDGFQAISAVVAGCGHRRPDLN
LLASHYRTDKWGGLHWFTPLYERHLGEFRDRPVRILEIGVGGYNFDGGGGESLKMWKRYFHRGLVFGMDVFDKSFLDQQR
LCTVRADQSKPEELAAVDDKYGPFDIIIDDGSHINGHVRTSLETLFPRLRSGGVYVIEDLWTTYAPGFGGQAQCPAAPGT
TVSLLKNLLEGVQHEEQPHAGSYEPSYLERNLVGLHTYHNIAFLEKGVNAEGGVPAWVPRSLDDILHLADVNSAEDE
;
_entity_poly.pdbx_strand_id   A,B
#
# COMPACT_ATOMS: atom_id res chain seq x y z
N THR A 4 -27.73 -13.68 -12.66
CA THR A 4 -26.74 -14.07 -13.69
C THR A 4 -26.51 -12.86 -14.59
N HIS A 5 -27.58 -12.18 -14.99
CA HIS A 5 -27.45 -10.94 -15.81
C HIS A 5 -26.74 -9.85 -15.00
N GLU A 6 -26.96 -9.83 -13.68
CA GLU A 6 -26.30 -8.82 -12.82
C GLU A 6 -24.79 -9.06 -12.80
N ILE A 7 -24.38 -10.30 -12.53
CA ILE A 7 -22.93 -10.65 -12.54
C ILE A 7 -22.39 -10.31 -13.93
N GLU A 8 -23.17 -10.58 -14.97
CA GLU A 8 -22.70 -10.34 -16.36
C GLU A 8 -22.54 -8.84 -16.62
N THR A 9 -23.42 -8.01 -16.07
CA THR A 9 -23.37 -6.54 -16.31
C THR A 9 -22.12 -5.97 -15.65
N VAL A 10 -21.87 -6.36 -14.39
CA VAL A 10 -20.65 -5.90 -13.67
C VAL A 10 -19.41 -6.37 -14.44
N GLU A 11 -19.42 -7.61 -14.92
CA GLU A 11 -18.27 -8.16 -15.70
C GLU A 11 -18.03 -7.33 -16.96
N ARG A 12 -19.09 -7.00 -17.70
CA ARG A 12 -18.95 -6.17 -18.94
C ARG A 12 -18.33 -4.81 -18.59
N ILE A 13 -18.80 -4.19 -17.52
CA ILE A 13 -18.22 -2.90 -17.07
C ILE A 13 -16.71 -3.08 -16.77
N ILE A 14 -16.36 -4.10 -16.00
CA ILE A 14 -14.94 -4.38 -15.62
C ILE A 14 -14.07 -4.55 -16.88
N LEU A 15 -14.50 -5.41 -17.79
CA LEU A 15 -13.75 -5.71 -19.05
C LEU A 15 -13.62 -4.45 -19.93
N ALA A 16 -14.68 -3.66 -20.07
CA ALA A 16 -14.62 -2.39 -20.85
C ALA A 16 -13.66 -1.39 -20.19
N ALA A 17 -13.58 -1.38 -18.87
CA ALA A 17 -12.68 -0.47 -18.13
C ALA A 17 -11.22 -0.68 -18.58
N GLY A 18 -10.87 -1.87 -19.06
CA GLY A 18 -9.51 -2.15 -19.53
C GLY A 18 -9.44 -2.36 -21.04
N SER A 19 -10.48 -1.96 -21.77
CA SER A 19 -10.53 -2.19 -23.23
C SER A 19 -10.23 -0.90 -24.00
N SER A 20 -10.65 -0.84 -25.25
CA SER A 20 -10.52 0.36 -26.11
C SER A 20 -11.50 1.45 -25.69
N ALA A 21 -11.28 2.66 -26.18
CA ALA A 21 -12.22 3.78 -25.95
C ALA A 21 -13.56 3.42 -26.60
N ALA A 22 -13.51 2.83 -27.79
CA ALA A 22 -14.73 2.45 -28.53
C ALA A 22 -15.56 1.43 -27.75
N SER A 23 -14.90 0.43 -27.17
CA SER A 23 -15.59 -0.63 -26.41
C SER A 23 -16.28 -0.01 -25.19
N LEU A 24 -15.56 0.86 -24.47
CA LEU A 24 -16.15 1.55 -23.29
C LEU A 24 -17.30 2.47 -23.74
N ALA A 25 -17.11 3.16 -24.85
CA ALA A 25 -18.16 4.04 -25.40
C ALA A 25 -19.41 3.23 -25.74
N ASP A 26 -19.22 2.10 -26.39
CA ASP A 26 -20.34 1.22 -26.78
C ASP A 26 -21.09 0.73 -25.54
N LEU A 27 -20.36 0.33 -24.51
CA LEU A 27 -21.02 -0.18 -23.29
C LEU A 27 -21.77 0.96 -22.58
N THR A 28 -21.15 2.12 -22.48
CA THR A 28 -21.76 3.29 -21.79
C THR A 28 -23.05 3.69 -22.54
N THR A 29 -23.01 3.66 -23.87
CA THR A 29 -24.20 3.98 -24.69
C THR A 29 -25.28 2.90 -24.49
N GLU A 30 -24.90 1.63 -24.50
CA GLU A 30 -25.89 0.54 -24.42
C GLU A 30 -26.54 0.45 -23.02
N LEU A 31 -25.75 0.48 -21.96
CA LEU A 31 -26.30 0.31 -20.61
C LEU A 31 -26.87 1.64 -20.11
N GLY A 32 -26.15 2.73 -20.36
CA GLY A 32 -26.57 4.06 -19.89
C GLY A 32 -26.12 4.39 -18.48
N LEU A 33 -26.09 5.68 -18.16
CA LEU A 33 -25.62 6.16 -16.83
C LEU A 33 -26.53 5.62 -15.73
N ALA A 34 -27.85 5.67 -15.93
CA ALA A 34 -28.80 5.27 -14.87
C ALA A 34 -28.52 3.84 -14.41
N ARG A 35 -28.15 2.96 -15.34
CA ARG A 35 -27.85 1.56 -14.98
C ARG A 35 -26.45 1.40 -14.37
N ILE A 36 -25.44 2.03 -14.96
CA ILE A 36 -24.03 1.84 -14.50
C ILE A 36 -23.79 2.51 -13.14
N ALA A 37 -24.27 3.74 -12.94
CA ALA A 37 -23.94 4.52 -11.72
C ALA A 37 -24.17 3.75 -10.39
N PRO A 38 -25.32 3.06 -10.18
CA PRO A 38 -25.52 2.29 -8.96
C PRO A 38 -24.48 1.16 -8.74
N VAL A 39 -23.95 0.61 -9.82
CA VAL A 39 -22.87 -0.41 -9.69
C VAL A 39 -21.63 0.28 -9.12
N LEU A 40 -21.30 1.46 -9.63
CA LEU A 40 -20.11 2.23 -9.15
C LEU A 40 -20.29 2.70 -7.71
N ILE A 41 -21.51 3.14 -7.34
CA ILE A 41 -21.79 3.61 -5.96
C ILE A 41 -21.62 2.43 -5.00
N ASP A 42 -22.10 1.26 -5.41
CA ASP A 42 -21.96 0.03 -4.58
C ASP A 42 -20.47 -0.23 -4.30
N GLU A 43 -19.65 -0.16 -5.33
CA GLU A 43 -18.18 -0.33 -5.15
C GLU A 43 -17.65 0.71 -4.17
N ILE A 44 -17.99 1.97 -4.36
CA ILE A 44 -17.48 3.08 -3.49
C ILE A 44 -17.83 2.76 -2.03
N LEU A 45 -19.06 2.35 -1.76
CA LEU A 45 -19.51 2.03 -0.39
C LEU A 45 -18.68 0.86 0.17
N PHE A 46 -18.46 -0.18 -0.63
CA PHE A 46 -17.66 -1.36 -0.21
C PHE A 46 -16.21 -0.97 0.06
N ARG A 47 -15.61 -0.12 -0.78
CA ARG A 47 -14.16 0.21 -0.69
C ARG A 47 -13.89 1.35 0.32
N ALA A 48 -14.82 2.26 0.51
CA ALA A 48 -14.68 3.38 1.48
C ALA A 48 -14.79 2.89 2.93
N GLU A 49 -15.49 1.78 3.15
CA GLU A 49 -15.63 1.20 4.50
C GLU A 49 -14.24 0.82 5.04
N PRO A 50 -13.91 1.11 6.30
CA PRO A 50 -14.87 1.65 7.28
C PRO A 50 -14.97 3.16 7.35
N ALA A 51 -16.14 3.66 7.74
CA ALA A 51 -16.30 5.12 7.92
C ALA A 51 -15.31 5.60 9.00
N PRO A 52 -14.72 6.79 8.85
CA PRO A 52 -13.82 7.32 9.88
C PRO A 52 -14.57 7.65 11.19
N ASP A 53 -13.84 7.82 12.29
CA ASP A 53 -14.44 8.09 13.62
C ASP A 53 -14.90 9.55 13.65
N ILE A 54 -15.97 9.83 12.93
CA ILE A 54 -16.43 11.24 12.80
C ILE A 54 -17.92 11.30 13.15
N GLU A 55 -18.43 12.52 13.27
CA GLU A 55 -19.88 12.71 13.49
C GLU A 55 -20.55 12.62 12.12
N ARG A 56 -21.86 12.43 12.10
CA ARG A 56 -22.60 12.26 10.82
C ARG A 56 -22.19 13.36 9.85
N THR A 57 -21.68 12.97 8.69
CA THR A 57 -21.19 13.92 7.67
C THR A 57 -21.61 13.42 6.29
N GLU A 58 -22.07 14.32 5.44
CA GLU A 58 -22.50 13.95 4.09
C GLU A 58 -21.44 14.31 3.05
N VAL A 59 -21.26 13.45 2.06
CA VAL A 59 -20.33 13.74 0.93
C VAL A 59 -21.09 13.44 -0.36
N ALA A 60 -21.08 14.40 -1.28
CA ALA A 60 -21.80 14.23 -2.54
C ALA A 60 -20.90 13.66 -3.64
N VAL A 61 -21.44 12.72 -4.41
CA VAL A 61 -20.71 12.17 -5.59
C VAL A 61 -21.61 12.36 -6.81
N GLN A 62 -21.11 13.08 -7.81
CA GLN A 62 -21.87 13.32 -9.06
C GLN A 62 -21.16 12.68 -10.25
N ILE A 63 -21.88 11.86 -11.01
CA ILE A 63 -21.31 11.19 -12.21
C ILE A 63 -22.00 11.74 -13.46
N THR A 64 -21.25 12.25 -14.41
CA THR A 64 -21.83 12.78 -15.67
C THR A 64 -21.39 11.95 -16.89
N HIS A 65 -22.21 11.94 -17.94
CA HIS A 65 -21.93 11.20 -19.19
C HIS A 65 -22.79 11.71 -20.34
N ARG A 66 -22.18 12.32 -21.36
CA ARG A 66 -22.87 12.78 -22.60
C ARG A 66 -24.16 13.55 -22.32
N GLY A 67 -24.09 14.60 -21.51
CA GLY A 67 -25.26 15.46 -21.25
C GLY A 67 -26.14 15.01 -20.11
N GLU A 68 -25.93 13.81 -19.59
CA GLU A 68 -26.71 13.34 -18.43
C GLU A 68 -25.85 13.33 -17.17
N THR A 69 -26.46 13.65 -16.04
CA THR A 69 -25.72 13.71 -14.76
C THR A 69 -26.63 13.18 -13.65
N VAL A 70 -26.08 12.39 -12.73
CA VAL A 70 -26.84 11.86 -11.57
C VAL A 70 -26.09 12.21 -10.29
N ASP A 71 -26.83 12.60 -9.26
CA ASP A 71 -26.21 13.00 -7.99
C ASP A 71 -26.49 11.96 -6.91
N PHE A 72 -25.50 11.69 -6.09
CA PHE A 72 -25.68 10.81 -4.93
C PHE A 72 -25.12 11.54 -3.71
N VAL A 73 -25.73 11.33 -2.56
CA VAL A 73 -25.19 11.90 -1.30
C VAL A 73 -24.90 10.73 -0.39
N LEU A 74 -23.65 10.60 0.02
CA LEU A 74 -23.27 9.50 0.91
C LEU A 74 -23.23 10.07 2.33
N THR A 75 -23.62 9.25 3.28
CA THR A 75 -23.59 9.69 4.69
C THR A 75 -22.58 8.83 5.46
N LEU A 76 -21.62 9.48 6.09
CA LEU A 76 -20.61 8.74 6.88
C LEU A 76 -20.73 9.10 8.36
N GLN A 77 -20.60 8.09 9.22
CA GLN A 77 -20.67 8.30 10.68
C GLN A 77 -19.91 7.19 11.41
N SER A 78 -19.24 7.54 12.50
CA SER A 78 -18.46 6.55 13.29
C SER A 78 -19.28 5.30 13.62
N GLY A 79 -18.74 4.13 13.30
CA GLY A 79 -19.40 2.85 13.66
C GLY A 79 -20.61 2.51 12.82
N GLU A 80 -21.03 3.42 11.95
CA GLU A 80 -22.27 3.18 11.17
C GLU A 80 -21.92 2.73 9.74
N LEU A 81 -22.79 1.94 9.12
CA LEU A 81 -22.56 1.52 7.71
C LEU A 81 -22.74 2.75 6.82
N ILE A 82 -21.77 3.00 5.94
CA ILE A 82 -21.88 4.14 4.99
C ILE A 82 -23.13 3.92 4.14
N LYS A 83 -23.91 4.98 3.94
CA LYS A 83 -25.16 4.89 3.15
C LYS A 83 -25.09 5.85 1.97
N ALA A 84 -25.69 5.47 0.85
CA ALA A 84 -25.79 6.37 -0.31
C ALA A 84 -27.27 6.52 -0.71
N GLU A 85 -27.65 7.71 -1.13
CA GLU A 85 -29.02 7.94 -1.62
C GLU A 85 -28.92 8.79 -2.89
N GLN A 86 -29.68 8.46 -3.93
CA GLN A 86 -29.72 9.33 -5.14
C GLN A 86 -30.57 10.54 -4.80
N ARG A 87 -29.92 11.66 -4.49
CA ARG A 87 -30.61 12.90 -4.07
C ARG A 87 -29.80 14.07 -4.61
N PRO A 88 -30.39 15.29 -4.71
CA PRO A 88 -29.65 16.46 -5.16
C PRO A 88 -28.48 16.80 -4.22
N VAL A 89 -27.35 17.21 -4.79
CA VAL A 89 -26.17 17.62 -3.97
C VAL A 89 -26.61 18.79 -3.09
N GLY A 90 -27.33 19.73 -3.69
CA GLY A 90 -27.87 20.86 -2.93
C GLY A 90 -26.81 21.66 -2.21
N ASP A 91 -26.87 21.65 -0.90
CA ASP A 91 -25.97 22.48 -0.08
C ASP A 91 -24.78 21.67 0.44
N VAL A 92 -24.75 20.36 0.18
CA VAL A 92 -23.66 19.51 0.75
C VAL A 92 -22.32 20.16 0.39
N PRO A 93 -21.51 20.59 1.38
CA PRO A 93 -20.27 21.32 1.12
C PRO A 93 -19.07 20.44 0.77
N LEU A 94 -19.24 19.11 0.84
CA LEU A 94 -18.16 18.16 0.46
C LEU A 94 -18.60 17.45 -0.81
N ARG A 95 -17.96 17.78 -1.93
CA ARG A 95 -18.43 17.24 -3.22
C ARG A 95 -17.30 16.61 -4.06
N ILE A 96 -17.64 15.55 -4.78
CA ILE A 96 -16.71 14.87 -5.71
C ILE A 96 -17.46 14.70 -7.02
N GLY A 97 -16.84 15.10 -8.12
CA GLY A 97 -17.46 14.90 -9.43
C GLY A 97 -16.63 14.01 -10.34
N TYR A 98 -17.29 13.21 -11.16
CA TYR A 98 -16.58 12.33 -12.11
C TYR A 98 -17.26 12.18 -13.44
N GLU A 99 -16.47 12.08 -14.50
CA GLU A 99 -17.01 11.66 -15.80
C GLU A 99 -17.16 10.14 -15.67
N LEU A 100 -18.25 9.56 -16.15
CA LEU A 100 -18.50 8.10 -16.00
C LEU A 100 -17.28 7.26 -16.42
N THR A 101 -16.71 7.55 -17.59
CA THR A 101 -15.51 6.83 -18.12
C THR A 101 -14.37 6.85 -17.09
N ASP A 102 -14.07 8.02 -16.50
CA ASP A 102 -12.99 8.17 -15.51
C ASP A 102 -13.28 7.33 -14.27
N LEU A 103 -14.53 7.36 -13.78
CA LEU A 103 -14.92 6.59 -12.57
C LEU A 103 -14.85 5.09 -12.85
N ILE A 104 -15.29 4.64 -14.01
CA ILE A 104 -15.23 3.21 -14.39
C ILE A 104 -13.76 2.75 -14.35
N ALA A 105 -12.86 3.52 -14.93
CA ALA A 105 -11.42 3.19 -14.92
C ALA A 105 -10.84 3.28 -13.51
N GLU A 106 -11.23 4.30 -12.77
CA GLU A 106 -10.75 4.48 -11.38
C GLU A 106 -11.12 3.24 -10.55
N LEU A 107 -12.33 2.74 -10.70
CA LEU A 107 -12.77 1.58 -9.89
C LEU A 107 -12.34 0.25 -10.52
N PHE A 108 -12.46 0.09 -11.83
CA PHE A 108 -12.27 -1.24 -12.46
C PHE A 108 -11.16 -1.26 -13.51
N GLY A 109 -10.44 -0.17 -13.68
CA GLY A 109 -9.33 -0.09 -14.63
C GLY A 109 -8.08 -0.81 -14.18
N PRO A 110 -7.31 -1.40 -15.11
CA PRO A 110 -6.04 -2.00 -14.77
C PRO A 110 -5.01 -0.86 -14.77
N GLY A 111 -3.81 -1.15 -14.31
CA GLY A 111 -2.76 -0.12 -14.40
C GLY A 111 -2.62 0.81 -13.20
N ALA A 112 -1.54 1.56 -13.19
CA ALA A 112 -1.22 2.45 -12.06
C ALA A 112 -2.35 3.43 -11.75
N PRO A 113 -2.69 3.57 -10.46
CA PRO A 113 -3.67 4.58 -10.06
C PRO A 113 -3.25 5.97 -10.56
N ARG A 114 -4.21 6.71 -11.07
CA ARG A 114 -3.96 8.09 -11.53
C ARG A 114 -3.65 9.00 -10.32
N ALA A 115 -2.59 9.79 -10.42
CA ALA A 115 -2.18 10.70 -9.31
C ALA A 115 -2.89 12.05 -9.40
N VAL A 116 -3.47 12.40 -10.55
CA VAL A 116 -4.06 13.74 -10.77
C VAL A 116 -5.07 13.73 -11.93
N GLY A 117 -6.08 14.61 -11.89
CA GLY A 117 -7.00 14.81 -13.04
C GLY A 117 -8.15 13.84 -13.23
N ALA A 118 -8.40 12.94 -12.28
CA ALA A 118 -9.43 11.91 -12.50
C ALA A 118 -10.82 12.36 -12.03
N ARG A 119 -10.88 13.46 -11.29
CA ARG A 119 -12.17 13.91 -10.72
C ARG A 119 -12.18 15.40 -10.37
N SER A 120 -13.36 15.90 -10.04
CA SER A 120 -13.50 17.29 -9.55
C SER A 120 -13.77 17.18 -8.06
N THR A 121 -13.47 18.25 -7.31
CA THR A 121 -13.73 18.28 -5.87
C THR A 121 -14.14 19.68 -5.38
N ASN A 122 -15.07 19.73 -4.44
CA ASN A 122 -15.41 21.01 -3.76
C ASN A 122 -15.32 20.72 -2.25
N PHE A 123 -14.51 21.48 -1.54
CA PHE A 123 -14.31 21.26 -0.09
C PHE A 123 -14.64 22.51 0.73
N LEU A 124 -15.76 22.46 1.46
CA LEU A 124 -16.13 23.55 2.40
C LEU A 124 -16.00 24.95 1.78
N ARG A 125 -16.50 25.13 0.57
CA ARG A 125 -16.52 26.48 -0.04
C ARG A 125 -17.49 27.30 0.82
N THR A 126 -18.44 26.62 1.46
CA THR A 126 -19.36 27.28 2.42
C THR A 126 -19.28 26.48 3.72
N THR A 127 -19.12 27.16 4.84
CA THR A 127 -19.04 26.49 6.16
C THR A 127 -20.33 26.74 6.95
N THR A 128 -20.45 26.11 8.12
CA THR A 128 -21.66 26.27 8.97
C THR A 128 -21.52 27.51 9.87
N SER A 129 -20.42 28.26 9.74
CA SER A 129 -20.23 29.50 10.53
C SER A 129 -20.18 30.73 9.62
N GLY A 130 -19.94 30.54 8.32
CA GLY A 130 -19.76 31.69 7.41
C GLY A 130 -18.30 32.10 7.33
N SER A 131 -17.47 31.55 8.22
CA SER A 131 -16.01 31.84 8.19
C SER A 131 -15.22 30.56 8.46
N ILE A 132 -13.97 30.70 8.90
CA ILE A 132 -13.11 29.49 9.11
C ILE A 132 -14.01 28.45 9.77
N PRO A 133 -14.18 27.26 9.18
CA PRO A 133 -15.13 26.29 9.73
C PRO A 133 -14.80 25.87 11.15
N GLY A 134 -15.81 25.39 11.86
CA GLY A 134 -15.56 24.86 13.21
C GLY A 134 -14.47 23.80 13.19
N PRO A 135 -13.71 23.64 14.28
CA PRO A 135 -12.61 22.68 14.30
C PRO A 135 -13.10 21.29 13.86
N SER A 136 -14.23 20.86 14.38
CA SER A 136 -14.78 19.52 14.06
C SER A 136 -15.27 19.45 12.61
N GLU A 137 -15.91 20.50 12.11
CA GLU A 137 -16.40 20.55 10.71
C GLU A 137 -15.23 20.35 9.75
N LEU A 138 -14.12 21.04 9.98
CA LEU A 138 -12.92 20.91 9.11
C LEU A 138 -12.34 19.50 9.25
N SER A 139 -12.12 19.05 10.47
CA SER A 139 -11.50 17.71 10.68
C SER A 139 -12.39 16.61 10.10
N ASP A 140 -13.68 16.62 10.44
CA ASP A 140 -14.62 15.59 9.94
C ASP A 140 -14.72 15.71 8.41
N GLY A 141 -14.70 16.93 7.87
CA GLY A 141 -14.76 17.15 6.42
C GLY A 141 -13.60 16.51 5.68
N PHE A 142 -12.38 16.76 6.17
CA PHE A 142 -11.18 16.14 5.55
C PHE A 142 -11.32 14.61 5.59
N GLN A 143 -11.69 14.07 6.75
CA GLN A 143 -11.80 12.60 6.93
C GLN A 143 -12.87 12.02 6.01
N ALA A 144 -14.04 12.67 5.94
CA ALA A 144 -15.17 12.17 5.13
C ALA A 144 -14.80 12.13 3.64
N ILE A 145 -14.42 13.27 3.08
CA ILE A 145 -14.14 13.32 1.62
C ILE A 145 -12.98 12.37 1.29
N SER A 146 -11.98 12.30 2.17
CA SER A 146 -10.80 11.44 1.92
C SER A 146 -11.25 9.97 1.89
N ALA A 147 -12.15 9.60 2.79
CA ALA A 147 -12.66 8.21 2.85
C ALA A 147 -13.37 7.84 1.54
N VAL A 148 -14.23 8.75 1.05
CA VAL A 148 -14.99 8.47 -0.20
C VAL A 148 -14.00 8.36 -1.37
N VAL A 149 -13.10 9.34 -1.50
CA VAL A 149 -12.13 9.34 -2.64
C VAL A 149 -11.35 8.01 -2.62
N ALA A 150 -10.89 7.58 -1.44
CA ALA A 150 -10.20 6.29 -1.28
C ALA A 150 -11.06 5.16 -1.85
N GLY A 151 -12.38 5.21 -1.62
CA GLY A 151 -13.30 4.18 -2.12
C GLY A 151 -13.58 4.27 -3.61
N CYS A 152 -13.20 5.37 -4.25
CA CYS A 152 -13.47 5.57 -5.70
C CYS A 152 -12.33 5.02 -6.59
N GLY A 153 -11.24 4.51 -5.98
CA GLY A 153 -10.09 4.09 -6.79
C GLY A 153 -9.67 2.64 -6.67
N HIS A 154 -8.52 2.30 -7.24
CA HIS A 154 -7.98 0.92 -7.20
C HIS A 154 -6.54 0.96 -6.67
N ARG A 155 -6.26 1.90 -5.77
CA ARG A 155 -4.92 1.98 -5.14
C ARG A 155 -4.63 0.64 -4.45
N ARG A 156 -3.40 0.17 -4.59
CA ARG A 156 -3.02 -1.16 -4.04
C ARG A 156 -3.27 -1.24 -2.54
N PRO A 157 -4.10 -2.20 -2.10
CA PRO A 157 -4.33 -2.42 -0.69
C PRO A 157 -3.24 -3.28 -0.04
N ASP A 158 -3.15 -3.24 1.28
CA ASP A 158 -2.24 -4.13 2.03
C ASP A 158 -3.07 -5.36 2.41
N LEU A 159 -2.76 -6.51 1.82
CA LEU A 159 -3.59 -7.73 2.05
C LEU A 159 -3.55 -8.15 3.53
N ASN A 160 -2.44 -7.90 4.22
CA ASN A 160 -2.34 -8.18 5.67
C ASN A 160 -3.39 -7.35 6.41
N LEU A 161 -3.46 -6.06 6.10
CA LEU A 161 -4.42 -5.15 6.77
C LEU A 161 -5.86 -5.54 6.40
N LEU A 162 -6.09 -5.93 5.15
CA LEU A 162 -7.43 -6.36 4.71
C LEU A 162 -7.85 -7.61 5.50
N ALA A 163 -6.96 -8.59 5.60
CA ALA A 163 -7.23 -9.84 6.35
C ALA A 163 -7.58 -9.51 7.81
N SER A 164 -6.88 -8.54 8.39
CA SER A 164 -7.16 -8.11 9.78
C SER A 164 -8.50 -7.36 9.84
N HIS A 165 -8.75 -6.47 8.89
CA HIS A 165 -10.02 -5.69 8.85
C HIS A 165 -11.23 -6.61 8.65
N TYR A 166 -11.14 -7.57 7.73
CA TYR A 166 -12.27 -8.48 7.41
C TYR A 166 -12.32 -9.66 8.37
N ARG A 167 -11.27 -9.84 9.18
CA ARG A 167 -11.24 -10.90 10.23
C ARG A 167 -11.15 -12.32 9.64
N THR A 168 -10.24 -12.55 8.70
CA THR A 168 -9.98 -13.94 8.20
C THR A 168 -8.71 -14.44 8.88
N ASP A 169 -8.62 -15.74 9.15
CA ASP A 169 -7.46 -16.33 9.87
C ASP A 169 -6.27 -16.55 8.92
N LYS A 170 -6.37 -16.12 7.67
CA LYS A 170 -5.25 -16.20 6.70
C LYS A 170 -4.06 -15.37 7.22
N TRP A 171 -4.30 -14.46 8.15
CA TRP A 171 -3.23 -13.63 8.78
C TRP A 171 -3.51 -13.45 10.26
N GLY A 172 -2.50 -13.09 11.04
CA GLY A 172 -2.64 -13.02 12.50
C GLY A 172 -2.04 -14.26 13.10
N GLY A 173 -2.36 -14.62 14.33
CA GLY A 173 -1.65 -15.74 14.97
C GLY A 173 -1.77 -17.15 14.39
N LEU A 174 -2.93 -17.55 13.88
CA LEU A 174 -3.08 -18.97 13.42
C LEU A 174 -2.34 -19.17 12.10
N HIS A 175 -2.37 -18.18 11.22
CA HIS A 175 -1.69 -18.28 9.91
C HIS A 175 -1.04 -16.95 9.52
N TRP A 176 -0.03 -17.00 8.65
CA TRP A 176 0.65 -15.79 8.13
C TRP A 176 0.78 -15.92 6.61
N PHE A 177 -0.33 -16.19 5.92
CA PHE A 177 -0.32 -16.51 4.47
C PHE A 177 -0.41 -15.29 3.54
N THR A 178 -1.02 -14.21 4.00
CA THR A 178 -1.32 -13.05 3.12
C THR A 178 -0.09 -12.54 2.34
N PRO A 179 1.13 -12.40 2.90
CA PRO A 179 2.30 -11.99 2.11
C PRO A 179 2.63 -13.00 0.99
N LEU A 180 2.36 -14.28 1.26
CA LEU A 180 2.61 -15.34 0.25
C LEU A 180 1.57 -15.20 -0.86
N TYR A 181 0.34 -14.85 -0.50
CA TYR A 181 -0.73 -14.61 -1.49
C TYR A 181 -0.32 -13.42 -2.37
N GLU A 182 0.23 -12.37 -1.76
CA GLU A 182 0.70 -11.17 -2.50
C GLU A 182 1.78 -11.59 -3.50
N ARG A 183 2.72 -12.41 -3.05
CA ARG A 183 3.81 -12.92 -3.92
C ARG A 183 3.26 -13.73 -5.11
N HIS A 184 2.33 -14.66 -4.88
CA HIS A 184 1.87 -15.59 -5.95
C HIS A 184 0.64 -15.10 -6.74
N LEU A 185 -0.16 -14.19 -6.18
CA LEU A 185 -1.41 -13.73 -6.85
C LEU A 185 -1.31 -12.24 -7.20
N GLY A 186 -0.34 -11.52 -6.63
CA GLY A 186 -0.16 -10.08 -6.88
C GLY A 186 -0.15 -9.70 -8.35
N GLU A 187 0.45 -10.54 -9.19
CA GLU A 187 0.51 -10.28 -10.66
C GLU A 187 -0.87 -10.31 -11.31
N PHE A 188 -1.89 -10.84 -10.63
CA PHE A 188 -3.26 -10.98 -11.19
C PHE A 188 -4.20 -9.89 -10.65
N ARG A 189 -3.70 -9.00 -9.79
CA ARG A 189 -4.55 -7.96 -9.15
C ARG A 189 -5.21 -7.03 -10.19
N ASP A 190 -4.54 -6.75 -11.31
CA ASP A 190 -5.07 -5.86 -12.37
C ASP A 190 -5.86 -6.67 -13.41
N ARG A 191 -5.95 -7.98 -13.23
CA ARG A 191 -6.62 -8.86 -14.22
C ARG A 191 -8.10 -9.07 -13.85
N PRO A 192 -8.99 -9.26 -14.85
CA PRO A 192 -10.41 -9.52 -14.59
C PRO A 192 -10.52 -11.00 -14.20
N VAL A 193 -10.19 -11.31 -12.95
CA VAL A 193 -10.12 -12.73 -12.55
C VAL A 193 -11.45 -13.30 -12.08
N ARG A 194 -11.52 -14.62 -12.08
CA ARG A 194 -12.65 -15.34 -11.48
C ARG A 194 -11.94 -16.20 -10.42
N ILE A 195 -12.20 -15.96 -9.16
CA ILE A 195 -11.50 -16.68 -8.07
C ILE A 195 -12.48 -17.60 -7.35
N LEU A 196 -12.06 -18.84 -7.12
CA LEU A 196 -12.89 -19.76 -6.35
C LEU A 196 -12.20 -20.12 -5.03
N GLU A 197 -12.88 -19.88 -3.93
CA GLU A 197 -12.37 -20.35 -2.64
C GLU A 197 -13.30 -21.47 -2.18
N ILE A 198 -12.74 -22.65 -1.97
CA ILE A 198 -13.51 -23.78 -1.39
C ILE A 198 -13.44 -23.61 0.12
N GLY A 199 -14.54 -23.22 0.74
CA GLY A 199 -14.55 -22.93 2.18
C GLY A 199 -14.95 -21.49 2.44
N VAL A 200 -16.25 -21.23 2.59
CA VAL A 200 -16.74 -19.84 2.82
C VAL A 200 -16.54 -19.46 4.28
N GLY A 201 -16.61 -20.44 5.18
CA GLY A 201 -16.50 -20.15 6.61
C GLY A 201 -17.84 -20.12 7.31
N GLY A 202 -17.85 -20.30 8.63
CA GLY A 202 -19.11 -20.24 9.39
C GLY A 202 -19.77 -21.60 9.54
N TYR A 203 -19.34 -22.60 8.77
CA TYR A 203 -19.91 -23.97 8.86
C TYR A 203 -21.43 -23.89 8.80
N ASN A 204 -22.12 -24.46 9.79
CA ASN A 204 -23.62 -24.49 9.77
C ASN A 204 -24.16 -23.42 10.72
N PHE A 205 -23.28 -22.63 11.32
CA PHE A 205 -23.74 -21.52 12.19
C PHE A 205 -24.41 -20.46 11.33
N ASP A 206 -25.50 -19.89 11.83
CA ASP A 206 -26.27 -18.86 11.07
C ASP A 206 -25.48 -17.56 10.95
N GLY A 207 -25.56 -16.92 9.77
CA GLY A 207 -24.90 -15.62 9.56
C GLY A 207 -23.38 -15.67 9.60
N GLY A 208 -22.76 -16.84 9.48
CA GLY A 208 -21.29 -16.91 9.63
C GLY A 208 -20.53 -17.12 8.34
N GLY A 209 -19.31 -16.54 8.24
CA GLY A 209 -18.44 -16.77 7.08
C GLY A 209 -18.32 -15.61 6.11
N GLY A 210 -17.53 -15.79 5.05
CA GLY A 210 -17.40 -14.78 3.99
C GLY A 210 -16.26 -13.79 4.19
N GLU A 211 -15.55 -13.88 5.30
CA GLU A 211 -14.48 -12.90 5.63
C GLU A 211 -13.43 -12.89 4.51
N SER A 212 -12.92 -14.05 4.15
CA SER A 212 -11.91 -14.18 3.07
C SER A 212 -12.48 -13.71 1.72
N LEU A 213 -13.76 -14.00 1.46
CA LEU A 213 -14.40 -13.64 0.17
C LEU A 213 -14.44 -12.11 0.03
N LYS A 214 -14.76 -11.43 1.12
CA LYS A 214 -14.77 -9.95 1.14
C LYS A 214 -13.35 -9.42 0.90
N MET A 215 -12.34 -10.06 1.48
CA MET A 215 -10.93 -9.68 1.30
C MET A 215 -10.53 -9.82 -0.17
N TRP A 216 -10.86 -10.96 -0.78
CA TRP A 216 -10.56 -11.19 -2.22
C TRP A 216 -11.28 -10.14 -3.11
N LYS A 217 -12.51 -9.77 -2.78
CA LYS A 217 -13.27 -8.75 -3.55
C LYS A 217 -12.57 -7.39 -3.47
N ARG A 218 -12.08 -7.05 -2.28
CA ARG A 218 -11.37 -5.76 -2.06
C ARG A 218 -10.01 -5.79 -2.79
N TYR A 219 -9.31 -6.92 -2.74
CA TYR A 219 -7.94 -7.03 -3.32
C TYR A 219 -8.01 -7.07 -4.85
N PHE A 220 -8.83 -7.97 -5.39
CA PHE A 220 -9.02 -8.07 -6.85
C PHE A 220 -10.11 -7.08 -7.28
N HIS A 221 -9.73 -5.82 -7.54
CA HIS A 221 -10.71 -4.74 -7.85
C HIS A 221 -11.45 -4.97 -9.18
N ARG A 222 -10.99 -5.92 -9.99
CA ARG A 222 -11.64 -6.28 -11.28
C ARG A 222 -12.12 -7.74 -11.20
N GLY A 223 -12.09 -8.31 -9.99
CA GLY A 223 -12.39 -9.75 -9.87
C GLY A 223 -13.80 -10.14 -9.51
N LEU A 224 -14.19 -11.34 -9.93
CA LEU A 224 -15.48 -11.94 -9.54
C LEU A 224 -15.12 -13.02 -8.52
N VAL A 225 -15.69 -12.90 -7.33
CA VAL A 225 -15.32 -13.82 -6.23
C VAL A 225 -16.41 -14.88 -6.06
N PHE A 226 -16.00 -16.14 -6.06
CA PHE A 226 -16.94 -17.26 -5.86
C PHE A 226 -16.54 -18.08 -4.63
N GLY A 227 -17.49 -18.31 -3.75
CA GLY A 227 -17.25 -19.10 -2.55
C GLY A 227 -18.11 -20.35 -2.52
N MET A 228 -17.48 -21.52 -2.54
CA MET A 228 -18.22 -22.81 -2.52
C MET A 228 -18.27 -23.37 -1.10
N ASP A 229 -19.43 -23.85 -0.69
CA ASP A 229 -19.61 -24.45 0.66
C ASP A 229 -20.73 -25.49 0.62
N VAL A 230 -20.58 -26.57 1.39
CA VAL A 230 -21.61 -27.64 1.47
C VAL A 230 -22.86 -27.04 2.11
N PHE A 231 -22.69 -26.02 2.94
CA PHE A 231 -23.84 -25.33 3.57
C PHE A 231 -24.20 -24.07 2.79
N ASP A 232 -25.45 -23.62 2.92
CA ASP A 232 -25.91 -22.39 2.21
C ASP A 232 -25.24 -21.15 2.79
N LYS A 233 -24.84 -20.23 1.92
CA LYS A 233 -24.17 -18.97 2.35
C LYS A 233 -24.71 -17.82 1.48
N SER A 234 -25.95 -17.97 0.99
CA SER A 234 -26.59 -16.97 0.09
C SER A 234 -26.69 -15.59 0.73
N PHE A 235 -26.71 -15.53 2.06
CA PHE A 235 -26.84 -14.24 2.78
C PHE A 235 -25.60 -13.36 2.56
N LEU A 236 -24.48 -13.96 2.16
CA LEU A 236 -23.24 -13.18 1.88
C LEU A 236 -23.26 -12.64 0.45
N ASP A 237 -24.18 -13.12 -0.39
CA ASP A 237 -24.17 -12.74 -1.83
C ASP A 237 -24.25 -11.22 -2.00
N GLN A 238 -23.39 -10.67 -2.85
CA GLN A 238 -23.33 -9.21 -3.11
C GLN A 238 -22.61 -8.97 -4.44
N GLN A 239 -22.41 -7.71 -4.81
CA GLN A 239 -21.72 -7.36 -6.08
C GLN A 239 -20.34 -8.02 -6.16
N ARG A 240 -20.03 -8.72 -7.25
CA ARG A 240 -18.73 -9.39 -7.49
C ARG A 240 -18.45 -10.52 -6.48
N LEU A 241 -19.46 -10.91 -5.69
CA LEU A 241 -19.26 -11.95 -4.64
C LEU A 241 -20.45 -12.94 -4.64
N CYS A 242 -20.23 -14.12 -5.18
CA CYS A 242 -21.30 -15.14 -5.32
C CYS A 242 -20.96 -16.41 -4.53
N THR A 243 -21.87 -16.85 -3.68
CA THR A 243 -21.68 -18.12 -2.94
C THR A 243 -22.38 -19.24 -3.72
N VAL A 244 -21.88 -20.45 -3.59
CA VAL A 244 -22.47 -21.63 -4.29
C VAL A 244 -22.46 -22.82 -3.33
N ARG A 245 -23.58 -23.52 -3.26
CA ARG A 245 -23.68 -24.74 -2.41
C ARG A 245 -23.17 -25.91 -3.23
N ALA A 246 -22.08 -26.52 -2.78
CA ALA A 246 -21.52 -27.70 -3.48
C ALA A 246 -20.57 -28.48 -2.56
N ASP A 247 -20.38 -29.75 -2.84
CA ASP A 247 -19.57 -30.63 -1.96
C ASP A 247 -18.24 -30.94 -2.64
N GLN A 248 -17.12 -30.56 -2.00
CA GLN A 248 -15.76 -30.72 -2.60
C GLN A 248 -15.39 -32.21 -2.66
N SER A 249 -16.15 -33.05 -1.96
CA SER A 249 -15.93 -34.51 -2.00
C SER A 249 -16.55 -35.10 -3.27
N LYS A 250 -17.37 -34.32 -3.97
CA LYS A 250 -18.13 -34.86 -5.12
C LYS A 250 -17.69 -34.22 -6.44
N PRO A 251 -16.97 -34.97 -7.29
CA PRO A 251 -16.51 -34.46 -8.58
C PRO A 251 -17.59 -33.79 -9.45
N GLU A 252 -18.81 -34.32 -9.42
CA GLU A 252 -19.93 -33.79 -10.24
C GLU A 252 -20.30 -32.39 -9.77
N GLU A 253 -20.27 -32.17 -8.46
CA GLU A 253 -20.62 -30.85 -7.89
C GLU A 253 -19.49 -29.84 -8.19
N LEU A 254 -18.24 -30.28 -8.09
CA LEU A 254 -17.09 -29.42 -8.42
C LEU A 254 -17.15 -29.04 -9.91
N ALA A 255 -17.42 -30.02 -10.77
CA ALA A 255 -17.55 -29.74 -12.22
C ALA A 255 -18.70 -28.76 -12.48
N ALA A 256 -19.83 -28.91 -11.78
CA ALA A 256 -20.99 -28.02 -11.96
C ALA A 256 -20.62 -26.59 -11.57
N VAL A 257 -19.86 -26.43 -10.49
CA VAL A 257 -19.41 -25.08 -10.05
C VAL A 257 -18.60 -24.47 -11.20
N ASP A 258 -17.64 -25.21 -11.74
CA ASP A 258 -16.80 -24.72 -12.86
C ASP A 258 -17.65 -24.44 -14.11
N ASP A 259 -18.60 -25.31 -14.42
CA ASP A 259 -19.42 -25.15 -15.65
C ASP A 259 -20.26 -23.87 -15.51
N LYS A 260 -20.71 -23.58 -14.31
CA LYS A 260 -21.57 -22.39 -14.07
C LYS A 260 -20.76 -21.09 -13.87
N TYR A 261 -19.66 -21.13 -13.12
CA TYR A 261 -18.96 -19.86 -12.76
C TYR A 261 -17.51 -19.79 -13.22
N GLY A 262 -17.00 -20.82 -13.86
CA GLY A 262 -15.63 -20.84 -14.35
C GLY A 262 -15.47 -20.20 -15.72
N PRO A 263 -14.29 -20.34 -16.36
CA PRO A 263 -13.14 -20.95 -15.70
C PRO A 263 -12.47 -20.03 -14.66
N PHE A 264 -11.71 -20.65 -13.75
CA PHE A 264 -11.08 -19.88 -12.66
C PHE A 264 -9.58 -19.62 -12.89
N ASP A 265 -9.16 -18.40 -12.61
CA ASP A 265 -7.73 -18.05 -12.68
C ASP A 265 -7.06 -18.58 -11.40
N ILE A 266 -7.81 -18.58 -10.30
CA ILE A 266 -7.24 -18.96 -8.99
C ILE A 266 -8.25 -19.82 -8.23
N ILE A 267 -7.77 -20.93 -7.67
CA ILE A 267 -8.63 -21.78 -6.82
C ILE A 267 -7.91 -21.97 -5.49
N ILE A 268 -8.65 -21.77 -4.41
CA ILE A 268 -8.08 -21.89 -3.05
C ILE A 268 -8.86 -22.95 -2.28
N ASP A 269 -8.16 -23.97 -1.82
CA ASP A 269 -8.79 -25.00 -0.97
C ASP A 269 -8.61 -24.62 0.51
N ASP A 270 -9.66 -24.12 1.14
CA ASP A 270 -9.67 -23.84 2.60
C ASP A 270 -10.97 -24.44 3.15
N GLY A 271 -11.28 -25.68 2.75
CA GLY A 271 -12.58 -26.26 3.14
C GLY A 271 -12.52 -27.23 4.30
N SER A 272 -12.96 -28.48 4.08
CA SER A 272 -12.99 -29.53 5.13
C SER A 272 -11.60 -29.83 5.68
N HIS A 273 -10.57 -29.77 4.84
CA HIS A 273 -9.18 -30.13 5.23
C HIS A 273 -9.11 -31.67 5.32
N ILE A 274 -10.20 -32.34 4.94
CA ILE A 274 -10.18 -33.83 4.88
C ILE A 274 -9.27 -34.22 3.71
N ASN A 275 -8.31 -35.10 3.95
CA ASN A 275 -7.30 -35.45 2.93
C ASN A 275 -7.92 -35.86 1.59
N GLY A 276 -8.94 -36.73 1.59
CA GLY A 276 -9.55 -37.21 0.34
C GLY A 276 -10.20 -36.07 -0.43
N HIS A 277 -10.84 -35.15 0.27
CA HIS A 277 -11.51 -33.99 -0.36
C HIS A 277 -10.45 -33.12 -1.05
N VAL A 278 -9.31 -32.91 -0.39
CA VAL A 278 -8.22 -32.09 -1.01
C VAL A 278 -7.80 -32.77 -2.32
N ARG A 279 -7.59 -34.09 -2.29
CA ARG A 279 -7.14 -34.83 -3.50
C ARG A 279 -8.23 -34.77 -4.58
N THR A 280 -9.49 -34.99 -4.21
CA THR A 280 -10.62 -34.99 -5.19
C THR A 280 -10.75 -33.61 -5.84
N SER A 281 -10.75 -32.56 -5.03
CA SER A 281 -10.86 -31.17 -5.53
C SER A 281 -9.72 -30.88 -6.53
N LEU A 282 -8.50 -31.28 -6.21
CA LEU A 282 -7.35 -30.96 -7.10
C LEU A 282 -7.47 -31.74 -8.41
N GLU A 283 -7.73 -33.05 -8.29
CA GLU A 283 -7.82 -33.94 -9.48
C GLU A 283 -8.91 -33.44 -10.44
N THR A 284 -10.01 -32.94 -9.91
CA THR A 284 -11.15 -32.49 -10.74
C THR A 284 -10.95 -31.05 -11.23
N LEU A 285 -10.51 -30.14 -10.37
CA LEU A 285 -10.46 -28.69 -10.72
C LEU A 285 -9.13 -28.24 -11.35
N PHE A 286 -8.02 -28.93 -11.07
CA PHE A 286 -6.73 -28.57 -11.69
C PHE A 286 -6.86 -28.56 -13.22
N PRO A 287 -7.45 -29.60 -13.85
CA PRO A 287 -7.67 -29.58 -15.31
C PRO A 287 -8.56 -28.42 -15.76
N ARG A 288 -9.46 -27.95 -14.91
CA ARG A 288 -10.40 -26.84 -15.24
C ARG A 288 -9.77 -25.46 -14.98
N LEU A 289 -8.77 -25.38 -14.12
CA LEU A 289 -8.04 -24.12 -13.83
C LEU A 289 -7.41 -23.57 -15.10
N ARG A 290 -7.43 -22.27 -15.26
CA ARG A 290 -6.76 -21.64 -16.43
C ARG A 290 -5.26 -21.95 -16.39
N SER A 291 -4.70 -22.26 -17.56
CA SER A 291 -3.23 -22.41 -17.64
C SER A 291 -2.62 -21.05 -17.28
N GLY A 292 -1.54 -21.03 -16.50
CA GLY A 292 -0.98 -19.77 -15.99
C GLY A 292 -1.64 -19.40 -14.68
N GLY A 293 -2.61 -20.19 -14.27
CA GLY A 293 -3.34 -19.96 -13.00
C GLY A 293 -2.67 -20.61 -11.81
N VAL A 294 -3.26 -20.43 -10.63
CA VAL A 294 -2.60 -20.91 -9.38
C VAL A 294 -3.61 -21.68 -8.52
N TYR A 295 -3.26 -22.90 -8.15
CA TYR A 295 -4.10 -23.69 -7.21
C TYR A 295 -3.42 -23.62 -5.84
N VAL A 296 -4.19 -23.26 -4.82
CA VAL A 296 -3.63 -23.09 -3.46
C VAL A 296 -4.28 -24.07 -2.48
N ILE A 297 -3.46 -24.77 -1.71
CA ILE A 297 -4.01 -25.66 -0.65
C ILE A 297 -3.56 -25.16 0.73
N GLU A 298 -4.52 -24.72 1.53
CA GLU A 298 -4.24 -24.30 2.91
C GLU A 298 -4.43 -25.46 3.90
N ASP A 299 -3.82 -25.38 5.09
CA ASP A 299 -4.01 -26.37 6.20
C ASP A 299 -3.44 -27.74 5.87
N LEU A 300 -2.17 -27.80 5.52
CA LEU A 300 -1.48 -29.07 5.23
C LEU A 300 -1.36 -29.91 6.51
N TRP A 301 -1.55 -29.31 7.68
CA TRP A 301 -1.39 -29.99 8.98
C TRP A 301 -2.31 -31.23 9.10
N THR A 302 -3.51 -31.20 8.51
CA THR A 302 -4.49 -32.32 8.57
C THR A 302 -3.85 -33.59 8.00
N THR A 303 -2.76 -33.48 7.25
CA THR A 303 -2.00 -34.65 6.76
C THR A 303 -1.72 -35.64 7.91
N TYR A 304 -1.55 -35.14 9.13
CA TYR A 304 -1.13 -36.02 10.25
C TYR A 304 -2.29 -36.24 11.23
N ALA A 305 -3.47 -35.68 10.96
CA ALA A 305 -4.63 -35.78 11.84
C ALA A 305 -5.60 -36.89 11.37
N PRO A 306 -5.70 -38.00 12.12
CA PRO A 306 -6.59 -39.12 11.76
C PRO A 306 -8.06 -38.71 11.60
N GLY A 307 -8.53 -37.75 12.38
CA GLY A 307 -9.90 -37.23 12.25
C GLY A 307 -10.18 -36.51 10.94
N PHE A 308 -9.15 -36.26 10.14
CA PHE A 308 -9.29 -35.59 8.83
C PHE A 308 -8.86 -36.57 7.73
N GLY A 309 -8.82 -37.86 8.05
CA GLY A 309 -8.37 -38.87 7.08
C GLY A 309 -6.87 -38.90 7.00
N GLY A 310 -6.22 -38.26 7.98
CA GLY A 310 -4.76 -38.23 8.02
C GLY A 310 -4.19 -39.42 8.77
N GLN A 311 -2.88 -39.55 8.78
CA GLN A 311 -2.21 -40.62 9.55
C GLN A 311 -1.12 -39.97 10.40
N ALA A 312 -1.11 -40.25 11.70
CA ALA A 312 -0.12 -39.64 12.61
C ALA A 312 1.21 -40.37 12.47
N GLN A 313 1.91 -40.11 11.37
CA GLN A 313 3.22 -40.75 11.10
C GLN A 313 4.05 -39.85 10.20
N CYS A 314 5.37 -40.02 10.22
CA CYS A 314 6.29 -39.29 9.32
C CYS A 314 7.42 -40.26 8.98
N PRO A 315 7.67 -40.58 7.69
CA PRO A 315 7.13 -39.82 6.57
C PRO A 315 5.61 -39.92 6.38
N ALA A 316 4.99 -38.84 5.90
CA ALA A 316 3.52 -38.80 5.73
C ALA A 316 3.00 -40.03 4.98
N ALA A 317 1.84 -40.50 5.40
CA ALA A 317 1.27 -41.72 4.79
C ALA A 317 0.77 -41.47 3.37
N PRO A 318 0.86 -42.45 2.46
CA PRO A 318 0.29 -42.31 1.13
C PRO A 318 -1.21 -41.96 1.23
N GLY A 319 -1.68 -41.05 0.38
CA GLY A 319 -3.07 -40.59 0.49
C GLY A 319 -3.24 -39.43 1.46
N THR A 320 -2.15 -38.82 1.87
CA THR A 320 -2.20 -37.61 2.73
C THR A 320 -1.67 -36.43 1.92
N THR A 321 -2.03 -35.20 2.28
CA THR A 321 -1.68 -34.00 1.47
C THR A 321 -0.16 -33.82 1.30
N VAL A 322 0.62 -33.96 2.37
CA VAL A 322 2.10 -33.82 2.26
C VAL A 322 2.64 -34.89 1.31
N SER A 323 2.16 -36.13 1.41
CA SER A 323 2.58 -37.18 0.46
C SER A 323 2.26 -36.75 -0.98
N LEU A 324 1.08 -36.20 -1.18
CA LEU A 324 0.68 -35.73 -2.52
C LEU A 324 1.68 -34.68 -3.00
N LEU A 325 2.01 -33.73 -2.12
CA LEU A 325 2.93 -32.62 -2.51
C LEU A 325 4.29 -33.17 -2.88
N LYS A 326 4.76 -34.20 -2.17
CA LYS A 326 6.06 -34.85 -2.48
C LYS A 326 5.99 -35.53 -3.86
N ASN A 327 4.87 -36.16 -4.17
CA ASN A 327 4.68 -36.81 -5.50
C ASN A 327 4.57 -35.75 -6.60
N LEU A 328 3.83 -34.66 -6.36
CA LEU A 328 3.76 -33.54 -7.34
C LEU A 328 5.17 -32.98 -7.59
N LEU A 329 5.97 -32.83 -6.53
CA LEU A 329 7.37 -32.37 -6.66
C LEU A 329 8.15 -33.28 -7.60
N GLU A 330 8.01 -34.61 -7.45
CA GLU A 330 8.74 -35.57 -8.30
C GLU A 330 8.19 -35.51 -9.73
N GLY A 331 6.87 -35.37 -9.89
CA GLY A 331 6.22 -35.30 -11.21
C GLY A 331 6.72 -34.14 -12.05
N VAL A 332 7.09 -33.04 -11.42
CA VAL A 332 7.69 -31.89 -12.17
C VAL A 332 8.94 -32.38 -12.91
N GLN A 333 9.65 -33.36 -12.36
CA GLN A 333 10.87 -33.93 -13.00
C GLN A 333 10.55 -35.15 -13.88
N HIS A 334 9.29 -35.35 -14.27
CA HIS A 334 8.86 -36.54 -15.04
C HIS A 334 9.77 -36.84 -16.25
N GLU A 335 10.19 -35.81 -17.00
CA GLU A 335 11.01 -35.99 -18.21
C GLU A 335 12.40 -36.54 -17.85
N GLU A 336 12.81 -36.44 -16.59
CA GLU A 336 14.18 -36.88 -16.21
C GLU A 336 14.11 -38.26 -15.54
N GLN A 337 12.89 -38.76 -15.31
CA GLN A 337 12.70 -40.07 -14.64
C GLN A 337 12.88 -41.22 -15.62
N PRO A 338 13.42 -42.39 -15.20
CA PRO A 338 13.51 -43.57 -16.07
C PRO A 338 12.13 -44.16 -16.39
N HIS A 339 11.84 -44.38 -17.66
CA HIS A 339 10.55 -45.00 -18.09
C HIS A 339 10.91 -46.15 -19.03
N ALA A 340 10.96 -47.38 -18.49
CA ALA A 340 11.42 -48.56 -19.26
C ALA A 340 10.67 -48.73 -20.58
N GLY A 341 9.38 -48.40 -20.59
CA GLY A 341 8.58 -48.56 -21.81
C GLY A 341 7.86 -47.28 -22.16
N SER A 342 6.95 -47.34 -23.13
CA SER A 342 6.21 -46.14 -23.57
C SER A 342 5.62 -45.46 -22.33
N TYR A 343 5.90 -44.17 -22.15
CA TYR A 343 5.28 -43.45 -21.01
C TYR A 343 4.70 -42.17 -21.53
N GLU A 344 3.47 -41.90 -21.12
CA GLU A 344 2.88 -40.59 -21.47
C GLU A 344 2.60 -39.93 -20.12
N PRO A 345 3.17 -38.74 -19.89
CA PRO A 345 3.02 -38.10 -18.59
C PRO A 345 1.56 -37.87 -18.17
N SER A 346 1.28 -38.00 -16.88
CA SER A 346 -0.05 -37.68 -16.33
C SER A 346 -0.39 -36.19 -16.54
N TYR A 347 -1.63 -35.81 -16.26
CA TYR A 347 -2.06 -34.39 -16.41
C TYR A 347 -1.23 -33.49 -15.46
N LEU A 348 -1.12 -33.89 -14.20
CA LEU A 348 -0.39 -33.08 -13.20
C LEU A 348 1.10 -33.03 -13.54
N GLU A 349 1.65 -34.09 -14.10
CA GLU A 349 3.07 -34.07 -14.55
C GLU A 349 3.22 -33.08 -15.70
N ARG A 350 2.26 -33.04 -16.62
CA ARG A 350 2.33 -32.19 -17.84
C ARG A 350 1.89 -30.75 -17.57
N ASN A 351 1.10 -30.51 -16.53
CA ASN A 351 0.50 -29.17 -16.34
C ASN A 351 0.93 -28.50 -15.02
N LEU A 352 1.80 -29.15 -14.24
CA LEU A 352 2.36 -28.51 -13.03
C LEU A 352 3.78 -28.02 -13.35
N VAL A 353 3.96 -26.70 -13.36
CA VAL A 353 5.26 -26.07 -13.74
C VAL A 353 6.01 -25.56 -12.50
N GLY A 354 5.32 -25.46 -11.37
CA GLY A 354 5.97 -24.92 -10.16
C GLY A 354 5.23 -25.26 -8.88
N LEU A 355 5.95 -25.73 -7.88
CA LEU A 355 5.34 -26.02 -6.55
C LEU A 355 6.01 -25.18 -5.47
N HIS A 356 5.21 -24.47 -4.71
CA HIS A 356 5.71 -23.55 -3.68
C HIS A 356 5.18 -24.04 -2.34
N THR A 357 6.07 -24.57 -1.51
CA THR A 357 5.66 -25.15 -0.21
C THR A 357 6.17 -24.29 0.95
N TYR A 358 5.25 -23.79 1.75
CA TYR A 358 5.58 -23.02 2.96
C TYR A 358 4.95 -23.74 4.16
N HIS A 359 4.97 -23.10 5.33
CA HIS A 359 4.30 -23.70 6.51
C HIS A 359 2.79 -23.66 6.34
N ASN A 360 2.15 -24.83 6.30
CA ASN A 360 0.66 -24.93 6.29
C ASN A 360 0.02 -24.43 4.97
N ILE A 361 0.80 -24.28 3.91
CA ILE A 361 0.24 -23.80 2.62
C ILE A 361 1.11 -24.20 1.42
N ALA A 362 0.46 -24.56 0.31
CA ALA A 362 1.17 -24.86 -0.94
C ALA A 362 0.54 -24.11 -2.13
N PHE A 363 1.41 -23.61 -3.00
CA PHE A 363 0.97 -22.87 -4.20
C PHE A 363 1.41 -23.68 -5.42
N LEU A 364 0.46 -24.01 -6.28
CA LEU A 364 0.73 -24.82 -7.49
C LEU A 364 0.52 -23.94 -8.72
N GLU A 365 1.56 -23.79 -9.53
CA GLU A 365 1.45 -23.01 -10.79
C GLU A 365 1.10 -23.96 -11.94
N LYS A 366 0.00 -23.68 -12.61
CA LYS A 366 -0.40 -24.51 -13.78
C LYS A 366 0.21 -23.94 -15.05
N GLY A 367 0.78 -24.81 -15.88
CA GLY A 367 1.31 -24.38 -17.16
C GLY A 367 1.68 -25.57 -18.03
N VAL A 368 2.50 -25.34 -19.04
CA VAL A 368 2.99 -26.45 -19.88
C VAL A 368 4.36 -26.89 -19.34
N ASN A 369 4.45 -28.09 -18.76
CA ASN A 369 5.72 -28.66 -18.26
C ASN A 369 6.27 -29.60 -19.34
N ALA A 370 6.87 -29.04 -20.39
CA ALA A 370 7.41 -29.83 -21.53
C ALA A 370 8.58 -29.10 -22.16
N GLU A 371 9.65 -28.90 -21.41
CA GLU A 371 10.87 -28.25 -21.93
C GLU A 371 11.77 -29.34 -22.54
N GLY A 372 11.43 -30.58 -22.28
CA GLY A 372 12.27 -31.70 -22.76
C GLY A 372 13.23 -32.16 -21.70
N GLY A 373 13.43 -33.47 -21.58
CA GLY A 373 14.43 -34.03 -20.66
C GLY A 373 15.82 -33.75 -21.16
N VAL A 374 16.82 -34.08 -20.36
CA VAL A 374 18.24 -33.90 -20.79
C VAL A 374 18.45 -34.71 -22.07
N PRO A 375 19.01 -34.10 -23.13
CA PRO A 375 19.28 -34.83 -24.38
C PRO A 375 20.19 -36.04 -24.20
N ALA A 376 20.01 -37.07 -25.03
CA ALA A 376 20.77 -38.33 -24.89
C ALA A 376 22.27 -38.11 -25.04
N TRP A 377 22.67 -37.08 -25.78
CA TRP A 377 24.10 -36.80 -26.04
C TRP A 377 24.82 -36.19 -24.83
N VAL A 378 24.09 -35.87 -23.77
CA VAL A 378 24.73 -35.31 -22.55
C VAL A 378 25.39 -36.44 -21.77
N PRO A 379 26.70 -36.36 -21.43
CA PRO A 379 27.35 -37.37 -20.61
C PRO A 379 26.59 -37.68 -19.31
N ARG A 380 26.38 -38.97 -19.01
CA ARG A 380 25.67 -39.38 -17.77
C ARG A 380 26.61 -40.04 -16.78
N SER A 381 27.90 -40.07 -17.08
CA SER A 381 28.88 -40.81 -16.24
C SER A 381 30.29 -40.49 -16.73
N LEU A 382 31.30 -40.64 -15.88
CA LEU A 382 32.69 -40.45 -16.36
C LEU A 382 32.97 -41.50 -17.44
N ASP A 383 32.30 -42.66 -17.41
CA ASP A 383 32.50 -43.61 -18.52
C ASP A 383 32.00 -42.93 -19.82
N ASP A 384 30.93 -42.13 -19.73
CA ASP A 384 30.49 -41.39 -20.94
C ASP A 384 31.56 -40.34 -21.23
N ILE A 385 32.08 -39.69 -20.19
CA ILE A 385 33.18 -38.71 -20.40
C ILE A 385 34.36 -39.47 -21.02
N THR B 4 22.32 15.37 19.12
CA THR B 4 23.06 15.18 17.84
C THR B 4 23.72 13.81 17.86
N HIS B 5 24.17 13.36 19.03
CA HIS B 5 24.75 11.99 19.16
C HIS B 5 23.60 10.99 19.00
N GLU B 6 22.38 11.39 19.39
CA GLU B 6 21.20 10.50 19.26
C GLU B 6 20.84 10.32 17.78
N ILE B 7 20.71 11.43 17.05
CA ILE B 7 20.42 11.37 15.59
C ILE B 7 21.51 10.54 14.94
N GLU B 8 22.76 10.76 15.34
CA GLU B 8 23.91 10.04 14.76
C GLU B 8 23.78 8.54 14.98
N THR B 9 23.35 8.12 16.16
CA THR B 9 23.28 6.68 16.48
C THR B 9 22.15 6.02 15.64
N VAL B 10 20.99 6.65 15.57
CA VAL B 10 19.87 6.13 14.71
C VAL B 10 20.35 6.05 13.26
N GLU B 11 21.03 7.09 12.78
CA GLU B 11 21.57 7.11 11.38
C GLU B 11 22.51 5.93 11.15
N ARG B 12 23.46 5.69 12.07
CA ARG B 12 24.41 4.57 11.91
C ARG B 12 23.66 3.25 11.79
N ILE B 13 22.63 3.03 12.61
CA ILE B 13 21.77 1.81 12.51
C ILE B 13 21.07 1.78 11.15
N ILE B 14 20.45 2.89 10.73
CA ILE B 14 19.76 2.97 9.40
C ILE B 14 20.73 2.58 8.27
N LEU B 15 21.92 3.18 8.23
CA LEU B 15 22.91 2.91 7.16
C LEU B 15 23.39 1.45 7.20
N ALA B 16 23.64 0.92 8.39
CA ALA B 16 24.07 -0.49 8.55
C ALA B 16 22.99 -1.43 8.00
N ALA B 17 21.72 -1.10 8.21
CA ALA B 17 20.59 -1.92 7.72
C ALA B 17 20.68 -2.14 6.22
N GLY B 18 21.28 -1.19 5.49
CA GLY B 18 21.43 -1.31 4.04
C GLY B 18 22.85 -1.57 3.59
N SER B 19 23.73 -1.96 4.51
CA SER B 19 25.15 -2.15 4.17
C SER B 19 25.50 -3.64 4.08
N SER B 20 26.78 -3.95 4.27
CA SER B 20 27.27 -5.35 4.26
C SER B 20 26.94 -6.06 5.58
N ALA B 21 27.02 -7.38 5.55
CA ALA B 21 26.85 -8.17 6.78
C ALA B 21 27.92 -7.76 7.79
N ALA B 22 29.16 -7.57 7.32
CA ALA B 22 30.29 -7.19 8.18
C ALA B 22 30.04 -5.82 8.82
N SER B 23 29.53 -4.86 8.04
CA SER B 23 29.20 -3.53 8.59
C SER B 23 28.15 -3.63 9.70
N LEU B 24 27.07 -4.37 9.45
CA LEU B 24 25.99 -4.51 10.47
C LEU B 24 26.53 -5.24 11.71
N ALA B 25 27.36 -6.27 11.50
CA ALA B 25 27.99 -7.02 12.61
C ALA B 25 28.88 -6.08 13.43
N ASP B 26 29.69 -5.27 12.76
CA ASP B 26 30.57 -4.30 13.45
C ASP B 26 29.70 -3.36 14.29
N LEU B 27 28.62 -2.83 13.73
CA LEU B 27 27.80 -1.85 14.47
C LEU B 27 27.09 -2.51 15.66
N THR B 28 26.53 -3.70 15.44
CA THR B 28 25.81 -4.43 16.52
C THR B 28 26.81 -4.70 17.65
N THR B 29 28.02 -5.14 17.30
CA THR B 29 29.08 -5.43 18.30
C THR B 29 29.46 -4.13 19.04
N GLU B 30 29.62 -3.04 18.30
CA GLU B 30 30.03 -1.75 18.90
C GLU B 30 28.96 -1.18 19.84
N LEU B 31 27.75 -0.97 19.35
CA LEU B 31 26.68 -0.34 20.16
C LEU B 31 26.12 -1.34 21.17
N GLY B 32 25.90 -2.58 20.77
CA GLY B 32 25.29 -3.58 21.66
C GLY B 32 23.77 -3.62 21.62
N LEU B 33 23.19 -4.77 21.96
CA LEU B 33 21.73 -4.96 21.98
C LEU B 33 21.06 -3.95 22.92
N ALA B 34 21.63 -3.74 24.12
CA ALA B 34 20.97 -2.89 25.13
C ALA B 34 20.71 -1.49 24.57
N ARG B 35 21.63 -0.99 23.77
CA ARG B 35 21.50 0.38 23.21
C ARG B 35 20.60 0.41 21.96
N ILE B 36 20.74 -0.57 21.08
CA ILE B 36 19.95 -0.59 19.80
C ILE B 36 18.48 -0.93 20.08
N ALA B 37 18.22 -1.89 20.96
CA ALA B 37 16.84 -2.38 21.18
C ALA B 37 15.84 -1.24 21.38
N PRO B 38 16.06 -0.29 22.31
CA PRO B 38 15.10 0.76 22.57
C PRO B 38 14.79 1.59 21.31
N VAL B 39 15.77 1.81 20.44
CA VAL B 39 15.57 2.54 19.15
C VAL B 39 14.56 1.77 18.29
N LEU B 40 14.72 0.46 18.23
CA LEU B 40 13.82 -0.41 17.42
C LEU B 40 12.41 -0.44 18.04
N ILE B 41 12.30 -0.53 19.37
CA ILE B 41 10.97 -0.51 20.06
C ILE B 41 10.29 0.84 19.82
N ASP B 42 11.06 1.92 19.83
CA ASP B 42 10.52 3.27 19.56
C ASP B 42 9.87 3.26 18.16
N GLU B 43 10.54 2.68 17.18
CA GLU B 43 10.01 2.59 15.79
C GLU B 43 8.74 1.72 15.78
N ILE B 44 8.75 0.61 16.49
CA ILE B 44 7.59 -0.32 16.46
C ILE B 44 6.36 0.42 16.99
N LEU B 45 6.54 1.20 18.06
CA LEU B 45 5.42 1.97 18.65
C LEU B 45 4.90 3.04 17.67
N PHE B 46 5.81 3.82 17.08
CA PHE B 46 5.42 4.86 16.07
C PHE B 46 4.68 4.23 14.88
N ARG B 47 5.14 3.08 14.40
CA ARG B 47 4.58 2.47 13.16
C ARG B 47 3.31 1.64 13.44
N ALA B 48 3.18 1.06 14.64
CA ALA B 48 2.02 0.20 14.98
C ALA B 48 0.81 1.06 15.30
N GLU B 49 1.05 2.33 15.58
CA GLU B 49 -0.06 3.27 15.88
C GLU B 49 -0.88 3.45 14.61
N PRO B 50 -2.23 3.44 14.66
CA PRO B 50 -2.96 3.39 15.93
C PRO B 50 -3.34 1.99 16.43
N ALA B 51 -3.58 1.88 17.74
CA ALA B 51 -4.00 0.59 18.33
C ALA B 51 -5.39 0.21 17.79
N PRO B 52 -5.63 -1.08 17.55
CA PRO B 52 -6.97 -1.52 17.11
C PRO B 52 -8.04 -1.32 18.21
N ASP B 53 -9.32 -1.35 17.84
CA ASP B 53 -10.43 -1.15 18.82
C ASP B 53 -10.56 -2.43 19.65
N ILE B 54 -9.63 -2.63 20.57
CA ILE B 54 -9.60 -3.89 21.37
C ILE B 54 -9.48 -3.59 22.87
N GLU B 55 -9.78 -4.60 23.67
CA GLU B 55 -9.60 -4.48 25.13
C GLU B 55 -8.09 -4.55 25.41
N ARG B 56 -7.67 -4.03 26.56
CA ARG B 56 -6.23 -4.03 26.90
C ARG B 56 -5.64 -5.40 26.59
N THR B 57 -4.64 -5.42 25.70
CA THR B 57 -4.02 -6.70 25.30
C THR B 57 -2.50 -6.51 25.29
N GLU B 58 -1.78 -7.52 25.77
CA GLU B 58 -0.31 -7.44 25.82
C GLU B 58 0.29 -8.29 24.70
N VAL B 59 1.37 -7.79 24.09
CA VAL B 59 2.10 -8.52 23.03
C VAL B 59 3.57 -8.37 23.36
N ALA B 60 4.27 -9.49 23.42
CA ALA B 60 5.70 -9.47 23.74
C ALA B 60 6.58 -9.42 22.49
N VAL B 61 7.63 -8.61 22.53
CA VAL B 61 8.62 -8.60 21.43
C VAL B 61 9.95 -8.99 22.09
N GLN B 62 10.58 -10.02 21.58
CA GLN B 62 11.86 -10.49 22.14
C GLN B 62 12.94 -10.33 21.07
N ILE B 63 14.01 -9.65 21.43
CA ILE B 63 15.12 -9.43 20.47
C ILE B 63 16.36 -10.13 21.03
N THR B 64 16.99 -10.96 20.22
CA THR B 64 18.21 -11.68 20.64
C THR B 64 19.41 -11.32 19.76
N HIS B 65 20.60 -11.42 20.32
CA HIS B 65 21.85 -11.15 19.58
C HIS B 65 23.05 -11.78 20.30
N ARG B 66 23.71 -12.74 19.67
CA ARG B 66 24.96 -13.37 20.21
C ARG B 66 24.87 -13.75 21.71
N GLY B 67 23.85 -14.51 22.09
CA GLY B 67 23.74 -15.00 23.48
C GLY B 67 23.11 -14.00 24.43
N GLU B 68 22.76 -12.81 23.94
CA GLU B 68 22.02 -11.83 24.77
C GLU B 68 20.61 -11.68 24.21
N THR B 69 19.64 -11.62 25.10
CA THR B 69 18.22 -11.48 24.68
C THR B 69 17.54 -10.45 25.58
N VAL B 70 16.74 -9.57 25.00
CA VAL B 70 15.98 -8.56 25.78
C VAL B 70 14.50 -8.70 25.41
N ASP B 71 13.65 -8.67 26.42
CA ASP B 71 12.21 -8.90 26.22
C ASP B 71 11.43 -7.63 26.54
N PHE B 72 10.46 -7.29 25.70
CA PHE B 72 9.61 -6.10 25.91
C PHE B 72 8.15 -6.54 25.85
N VAL B 73 7.32 -5.92 26.66
CA VAL B 73 5.87 -6.23 26.62
C VAL B 73 5.16 -4.96 26.18
N LEU B 74 4.51 -5.05 25.04
CA LEU B 74 3.76 -3.88 24.53
C LEU B 74 2.31 -4.05 24.96
N THR B 75 1.71 -2.96 25.36
CA THR B 75 0.31 -2.99 25.82
C THR B 75 -0.52 -2.15 24.84
N LEU B 76 -1.54 -2.75 24.25
CA LEU B 76 -2.38 -2.06 23.23
C LEU B 76 -3.83 -2.00 23.72
N GLN B 77 -4.48 -0.86 23.52
CA GLN B 77 -5.88 -0.67 23.96
C GLN B 77 -6.57 0.37 23.09
N SER B 78 -7.84 0.13 22.75
CA SER B 78 -8.66 1.09 21.96
C SER B 78 -8.48 2.51 22.51
N GLY B 79 -8.08 3.45 21.64
CA GLY B 79 -7.97 4.88 21.99
C GLY B 79 -6.79 5.28 22.86
N GLU B 80 -5.81 4.40 23.06
CA GLU B 80 -4.70 4.70 23.99
C GLU B 80 -3.34 4.54 23.30
N LEU B 81 -2.38 5.38 23.66
CA LEU B 81 -1.00 5.28 23.12
C LEU B 81 -0.43 3.91 23.47
N ILE B 82 0.10 3.22 22.48
CA ILE B 82 0.71 1.89 22.71
C ILE B 82 1.91 2.11 23.63
N LYS B 83 2.02 1.25 24.64
CA LYS B 83 3.13 1.40 25.60
C LYS B 83 4.01 0.16 25.52
N ALA B 84 5.28 0.32 25.85
CA ALA B 84 6.22 -0.81 25.90
C ALA B 84 6.98 -0.76 27.23
N GLU B 85 7.33 -1.92 27.78
CA GLU B 85 8.17 -1.95 28.99
C GLU B 85 9.12 -3.14 28.87
N GLN B 86 10.38 -2.96 29.29
CA GLN B 86 11.30 -4.12 29.33
C GLN B 86 10.82 -4.98 30.51
N ARG B 87 10.28 -6.16 30.22
CA ARG B 87 9.63 -6.99 31.25
C ARG B 87 9.74 -8.46 30.83
N PRO B 88 9.52 -9.42 31.75
CA PRO B 88 9.48 -10.84 31.38
C PRO B 88 8.24 -11.17 30.53
N VAL B 89 8.29 -12.26 29.77
CA VAL B 89 7.20 -12.57 28.80
C VAL B 89 6.53 -13.92 29.10
N GLY B 90 6.99 -14.65 30.11
CA GLY B 90 6.47 -16.01 30.36
C GLY B 90 4.96 -16.10 30.48
N ASP B 91 4.30 -15.01 30.88
CA ASP B 91 2.84 -15.06 31.10
C ASP B 91 2.11 -14.26 30.02
N VAL B 92 2.79 -13.97 28.91
CA VAL B 92 2.14 -13.26 27.77
C VAL B 92 1.99 -14.28 26.65
N PRO B 93 0.75 -14.72 26.35
CA PRO B 93 0.53 -15.73 25.31
C PRO B 93 0.66 -15.22 23.86
N LEU B 94 0.89 -13.91 23.67
CA LEU B 94 1.10 -13.34 22.31
C LEU B 94 2.54 -12.84 22.21
N ARG B 95 3.38 -13.55 21.45
CA ARG B 95 4.82 -13.20 21.41
C ARG B 95 5.39 -13.14 19.98
N ILE B 96 6.31 -12.22 19.75
CA ILE B 96 7.03 -12.10 18.45
C ILE B 96 8.52 -12.19 18.81
N GLY B 97 9.27 -13.02 18.12
CA GLY B 97 10.71 -13.14 18.37
C GLY B 97 11.56 -12.74 17.18
N TYR B 98 12.68 -12.06 17.44
CA TYR B 98 13.55 -11.59 16.34
C TYR B 98 15.02 -11.64 16.63
N GLU B 99 15.81 -12.01 15.63
CA GLU B 99 17.27 -11.84 15.72
C GLU B 99 17.47 -10.34 15.48
N LEU B 100 18.41 -9.70 16.18
CA LEU B 100 18.59 -8.23 16.08
C LEU B 100 18.84 -7.81 14.63
N THR B 101 19.70 -8.54 13.93
CA THR B 101 20.00 -8.27 12.51
C THR B 101 18.71 -8.24 11.69
N ASP B 102 17.82 -9.21 11.87
CA ASP B 102 16.53 -9.29 11.11
C ASP B 102 15.64 -8.09 11.44
N LEU B 103 15.49 -7.73 12.71
CA LEU B 103 14.61 -6.61 13.09
C LEU B 103 15.17 -5.27 12.54
N ILE B 104 16.48 -5.11 12.55
CA ILE B 104 17.12 -3.85 12.05
C ILE B 104 16.76 -3.70 10.56
N ALA B 105 16.87 -4.79 9.80
CA ALA B 105 16.53 -4.77 8.35
C ALA B 105 15.03 -4.57 8.15
N GLU B 106 14.22 -5.29 8.94
CA GLU B 106 12.75 -5.18 8.84
C GLU B 106 12.33 -3.72 9.02
N LEU B 107 12.91 -3.03 9.99
CA LEU B 107 12.51 -1.63 10.25
C LEU B 107 13.27 -0.64 9.34
N PHE B 108 14.57 -0.84 9.16
CA PHE B 108 15.38 0.19 8.48
C PHE B 108 16.06 -0.29 7.19
N GLY B 109 15.73 -1.50 6.74
CA GLY B 109 16.34 -2.05 5.53
C GLY B 109 15.72 -1.52 4.26
N PRO B 110 16.52 -1.37 3.19
CA PRO B 110 15.97 -1.01 1.91
C PRO B 110 15.41 -2.27 1.24
N GLY B 111 14.63 -2.07 0.20
CA GLY B 111 14.21 -3.28 -0.53
C GLY B 111 12.88 -3.90 -0.14
N ALA B 112 12.46 -4.88 -0.92
CA ALA B 112 11.14 -5.49 -0.74
C ALA B 112 10.91 -6.03 0.66
N PRO B 113 9.75 -5.73 1.27
CA PRO B 113 9.40 -6.32 2.53
C PRO B 113 9.49 -7.85 2.43
N ARG B 114 10.01 -8.48 3.47
CA ARG B 114 10.11 -9.96 3.51
C ARG B 114 8.70 -10.54 3.72
N ALA B 115 8.35 -11.57 2.95
CA ALA B 115 7.03 -12.20 3.03
C ALA B 115 7.00 -13.35 4.05
N VAL B 116 8.18 -13.80 4.51
CA VAL B 116 8.28 -15.00 5.38
C VAL B 116 9.67 -15.11 6.03
N GLY B 117 9.78 -15.78 7.18
CA GLY B 117 11.08 -16.10 7.82
C GLY B 117 11.82 -15.00 8.57
N ALA B 118 11.21 -13.86 8.81
CA ALA B 118 11.94 -12.74 9.45
C ALA B 118 11.79 -12.80 10.96
N ARG B 119 10.86 -13.60 11.47
CA ARG B 119 10.58 -13.64 12.91
C ARG B 119 9.94 -14.96 13.38
N SER B 120 9.93 -15.15 14.70
CA SER B 120 9.23 -16.30 15.32
C SER B 120 7.93 -15.76 15.89
N THR B 121 6.95 -16.63 16.07
CA THR B 121 5.64 -16.20 16.63
C THR B 121 5.08 -17.26 17.59
N ASN B 122 4.53 -16.83 18.73
CA ASN B 122 3.81 -17.73 19.65
C ASN B 122 2.41 -17.14 19.82
N PHE B 123 1.39 -17.79 19.28
CA PHE B 123 0.00 -17.27 19.35
C PHE B 123 -0.88 -18.19 20.21
N LEU B 124 -1.25 -17.74 21.40
CA LEU B 124 -2.19 -18.48 22.29
C LEU B 124 -1.89 -19.99 22.32
N ARG B 125 -0.62 -20.35 22.50
CA ARG B 125 -0.25 -21.78 22.64
C ARG B 125 -0.77 -22.21 24.01
N THR B 126 -0.94 -21.25 24.92
CA THR B 126 -1.59 -21.54 26.23
C THR B 126 -2.60 -20.42 26.44
N THR B 127 -3.77 -20.74 26.98
CA THR B 127 -4.79 -19.71 27.30
C THR B 127 -5.21 -19.88 28.76
N THR B 128 -5.33 -18.78 29.52
CA THR B 128 -5.61 -18.95 30.96
C THR B 128 -7.09 -19.22 31.09
N SER B 129 -7.87 -18.74 30.12
CA SER B 129 -9.35 -18.93 30.12
C SER B 129 -9.66 -20.41 30.29
N GLY B 130 -9.17 -21.25 29.38
CA GLY B 130 -9.39 -22.71 29.47
C GLY B 130 -8.70 -23.45 28.36
N SER B 131 -9.48 -24.13 27.51
CA SER B 131 -8.92 -24.90 26.38
C SER B 131 -9.22 -24.13 25.09
N ILE B 132 -10.49 -23.79 24.83
CA ILE B 132 -10.82 -22.93 23.67
C ILE B 132 -10.80 -21.51 24.20
N PRO B 133 -9.99 -20.60 23.63
CA PRO B 133 -9.88 -19.27 24.19
C PRO B 133 -11.20 -18.52 23.90
N GLY B 134 -11.56 -17.60 24.79
CA GLY B 134 -12.79 -16.83 24.60
C GLY B 134 -12.85 -16.13 23.26
N PRO B 135 -14.04 -15.70 22.80
CA PRO B 135 -14.18 -15.05 21.52
C PRO B 135 -13.37 -13.75 21.49
N SER B 136 -13.58 -12.91 22.50
CA SER B 136 -12.87 -11.62 22.59
C SER B 136 -11.38 -11.91 22.66
N GLU B 137 -11.00 -12.79 23.57
CA GLU B 137 -9.59 -13.19 23.76
C GLU B 137 -8.96 -13.57 22.40
N LEU B 138 -9.67 -14.34 21.59
CA LEU B 138 -9.16 -14.80 20.27
C LEU B 138 -9.13 -13.60 19.30
N SER B 139 -10.27 -12.93 19.13
CA SER B 139 -10.44 -11.74 18.24
C SER B 139 -9.41 -10.63 18.55
N ASP B 140 -9.34 -10.19 19.80
CA ASP B 140 -8.41 -9.13 20.27
C ASP B 140 -6.94 -9.55 20.08
N GLY B 141 -6.65 -10.84 20.25
CA GLY B 141 -5.34 -11.45 20.04
C GLY B 141 -4.89 -11.26 18.61
N PHE B 142 -5.66 -11.79 17.64
CA PHE B 142 -5.43 -11.63 16.18
C PHE B 142 -5.02 -10.17 15.88
N GLN B 143 -5.86 -9.22 16.30
CA GLN B 143 -5.75 -7.76 16.05
C GLN B 143 -4.48 -7.22 16.72
N ALA B 144 -4.22 -7.62 17.96
CA ALA B 144 -3.10 -7.09 18.77
C ALA B 144 -1.77 -7.52 18.14
N ILE B 145 -1.58 -8.81 17.90
CA ILE B 145 -0.28 -9.30 17.34
C ILE B 145 -0.11 -8.74 15.91
N SER B 146 -1.20 -8.63 15.16
CA SER B 146 -1.16 -8.14 13.76
C SER B 146 -0.71 -6.67 13.73
N ALA B 147 -1.20 -5.88 14.68
CA ALA B 147 -0.83 -4.45 14.76
C ALA B 147 0.67 -4.28 15.04
N VAL B 148 1.21 -5.05 15.99
CA VAL B 148 2.66 -4.99 16.34
C VAL B 148 3.49 -5.47 15.14
N VAL B 149 3.06 -6.55 14.50
CA VAL B 149 3.82 -7.11 13.35
C VAL B 149 3.90 -6.03 12.26
N ALA B 150 2.80 -5.32 12.02
CA ALA B 150 2.77 -4.25 11.01
C ALA B 150 3.76 -3.13 11.38
N GLY B 151 3.96 -2.86 12.67
CA GLY B 151 4.93 -1.85 13.13
C GLY B 151 6.38 -2.30 13.10
N CYS B 152 6.63 -3.58 12.89
CA CYS B 152 8.01 -4.12 12.89
C CYS B 152 8.64 -4.05 11.50
N GLY B 153 7.89 -3.63 10.48
CA GLY B 153 8.42 -3.66 9.12
C GLY B 153 8.40 -2.36 8.34
N HIS B 154 8.64 -2.45 7.04
CA HIS B 154 8.69 -1.26 6.16
C HIS B 154 7.77 -1.46 4.95
N ARG B 155 6.70 -2.22 5.13
CA ARG B 155 5.72 -2.41 4.03
C ARG B 155 5.32 -1.02 3.52
N ARG B 156 5.20 -0.88 2.22
CA ARG B 156 4.93 0.46 1.62
C ARG B 156 3.64 1.05 2.17
N PRO B 157 3.66 2.25 2.80
CA PRO B 157 2.42 2.85 3.21
C PRO B 157 1.74 3.67 2.10
N ASP B 158 0.47 3.94 2.28
CA ASP B 158 -0.30 4.81 1.35
C ASP B 158 -0.18 6.24 1.87
N LEU B 159 0.46 7.13 1.11
CA LEU B 159 0.72 8.51 1.61
C LEU B 159 -0.59 9.27 1.82
N ASN B 160 -1.60 9.06 0.97
CA ASN B 160 -2.92 9.68 1.17
C ASN B 160 -3.50 9.28 2.54
N LEU B 161 -3.49 7.99 2.84
CA LEU B 161 -4.03 7.49 4.13
C LEU B 161 -3.19 8.06 5.29
N LEU B 162 -1.87 8.13 5.11
CA LEU B 162 -0.98 8.65 6.18
C LEU B 162 -1.34 10.12 6.44
N ALA B 163 -1.54 10.88 5.37
CA ALA B 163 -1.88 12.31 5.50
C ALA B 163 -3.18 12.49 6.27
N SER B 164 -4.17 11.64 5.99
CA SER B 164 -5.48 11.70 6.70
C SER B 164 -5.29 11.31 8.16
N HIS B 165 -4.48 10.28 8.42
CA HIS B 165 -4.24 9.81 9.80
C HIS B 165 -3.49 10.85 10.63
N TYR B 166 -2.43 11.44 10.07
CA TYR B 166 -1.60 12.43 10.81
C TYR B 166 -2.27 13.80 10.78
N ARG B 167 -3.27 13.96 9.93
CA ARG B 167 -4.05 15.22 9.85
C ARG B 167 -3.22 16.37 9.25
N THR B 168 -2.57 16.15 8.12
CA THR B 168 -1.91 17.27 7.39
C THR B 168 -2.86 17.67 6.25
N ASP B 169 -2.83 18.92 5.83
CA ASP B 169 -3.72 19.43 4.74
C ASP B 169 -3.10 19.16 3.36
N LYS B 170 -2.01 18.39 3.29
CA LYS B 170 -1.41 18.00 1.98
C LYS B 170 -2.40 17.10 1.20
N TRP B 171 -3.35 16.49 1.89
CA TRP B 171 -4.40 15.64 1.24
C TRP B 171 -5.77 15.98 1.83
N GLY B 172 -6.85 15.68 1.10
CA GLY B 172 -8.19 16.06 1.58
C GLY B 172 -8.66 17.25 0.79
N GLY B 173 -9.65 17.97 1.27
CA GLY B 173 -10.22 19.03 0.43
C GLY B 173 -9.33 20.21 0.10
N LEU B 174 -8.48 20.67 1.01
CA LEU B 174 -7.70 21.89 0.72
C LEU B 174 -6.65 21.62 -0.37
N HIS B 175 -5.98 20.46 -0.29
CA HIS B 175 -4.98 20.10 -1.32
C HIS B 175 -5.03 18.59 -1.62
N TRP B 176 -4.50 18.19 -2.77
CA TRP B 176 -4.45 16.77 -3.19
C TRP B 176 -3.02 16.45 -3.66
N PHE B 177 -2.02 16.79 -2.84
CA PHE B 177 -0.60 16.68 -3.25
C PHE B 177 0.02 15.30 -3.04
N THR B 178 -0.46 14.53 -2.08
CA THR B 178 0.22 13.27 -1.69
C THR B 178 0.51 12.31 -2.87
N PRO B 179 -0.38 12.07 -3.86
CA PRO B 179 -0.04 11.22 -5.00
C PRO B 179 1.11 11.82 -5.85
N LEU B 180 1.21 13.15 -5.88
CA LEU B 180 2.32 13.83 -6.59
C LEU B 180 3.63 13.62 -5.82
N TYR B 181 3.57 13.70 -4.49
CA TYR B 181 4.77 13.41 -3.65
C TYR B 181 5.22 11.97 -3.92
N GLU B 182 4.26 11.04 -3.99
CA GLU B 182 4.59 9.61 -4.26
C GLU B 182 5.32 9.53 -5.62
N ARG B 183 4.79 10.21 -6.62
CA ARG B 183 5.39 10.20 -7.97
C ARG B 183 6.82 10.73 -7.96
N HIS B 184 7.06 11.88 -7.34
CA HIS B 184 8.38 12.57 -7.41
C HIS B 184 9.35 12.17 -6.28
N LEU B 185 8.86 11.65 -5.16
CA LEU B 185 9.71 11.32 -4.00
C LEU B 185 9.73 9.80 -3.73
N GLY B 186 8.83 9.03 -4.34
CA GLY B 186 8.72 7.57 -4.10
C GLY B 186 9.97 6.77 -4.38
N GLU B 187 10.77 7.20 -5.36
CA GLU B 187 12.05 6.52 -5.68
C GLU B 187 13.07 6.69 -4.55
N PHE B 188 12.80 7.57 -3.59
CA PHE B 188 13.74 7.87 -2.46
C PHE B 188 13.27 7.19 -1.16
N ARG B 189 12.13 6.50 -1.19
CA ARG B 189 11.54 5.90 0.05
C ARG B 189 12.50 4.90 0.71
N ASP B 190 13.21 4.11 -0.09
CA ASP B 190 14.17 3.10 0.42
C ASP B 190 15.55 3.73 0.67
N ARG B 191 15.66 5.04 0.50
CA ARG B 191 16.99 5.72 0.63
C ARG B 191 17.14 6.35 2.02
N PRO B 192 18.39 6.46 2.54
CA PRO B 192 18.65 7.08 3.84
C PRO B 192 18.62 8.59 3.62
N VAL B 193 17.42 9.13 3.52
CA VAL B 193 17.29 10.56 3.16
C VAL B 193 17.37 11.51 4.34
N ARG B 194 17.71 12.74 4.04
CA ARG B 194 17.59 13.82 5.02
C ARG B 194 16.58 14.78 4.35
N ILE B 195 15.41 14.95 4.94
CA ILE B 195 14.34 15.80 4.32
C ILE B 195 14.13 17.05 5.17
N LEU B 196 14.09 18.20 4.52
CA LEU B 196 13.75 19.45 5.25
C LEU B 196 12.40 20.00 4.79
N GLU B 197 11.51 20.23 5.72
CA GLU B 197 10.25 20.92 5.39
C GLU B 197 10.27 22.26 6.11
N ILE B 198 10.13 23.33 5.35
CA ILE B 198 10.06 24.70 5.90
C ILE B 198 8.58 24.94 6.20
N GLY B 199 8.23 25.10 7.46
CA GLY B 199 6.84 25.30 7.93
C GLY B 199 6.46 24.09 8.76
N VAL B 200 6.67 24.14 10.07
CA VAL B 200 6.37 22.95 10.89
C VAL B 200 4.85 22.85 11.08
N GLY B 201 4.14 23.98 10.96
CA GLY B 201 2.69 24.01 11.22
C GLY B 201 2.40 24.51 12.64
N GLY B 202 1.19 25.05 12.84
CA GLY B 202 0.66 25.39 14.17
C GLY B 202 1.04 26.81 14.58
N TYR B 203 1.95 27.45 13.84
CA TYR B 203 2.37 28.86 14.09
C TYR B 203 2.79 29.06 15.55
N ASN B 204 2.21 30.05 16.21
CA ASN B 204 2.58 30.35 17.62
C ASN B 204 1.58 29.70 18.57
N PHE B 205 0.62 28.97 18.02
CA PHE B 205 -0.32 28.25 18.90
C PHE B 205 0.46 27.15 19.64
N ASP B 206 0.31 27.11 20.96
CA ASP B 206 1.09 26.15 21.77
C ASP B 206 0.62 24.72 21.47
N GLY B 207 1.57 23.82 21.26
CA GLY B 207 1.25 22.41 20.97
C GLY B 207 0.78 22.20 19.55
N GLY B 208 1.05 23.15 18.66
CA GLY B 208 0.53 23.03 17.28
C GLY B 208 1.57 22.60 16.26
N GLY B 209 1.16 21.83 15.25
CA GLY B 209 2.08 21.48 14.15
C GLY B 209 2.71 20.10 14.20
N GLY B 210 3.52 19.78 13.18
CA GLY B 210 4.26 18.50 13.14
C GLY B 210 3.57 17.40 12.34
N GLU B 211 2.34 17.63 11.88
CA GLU B 211 1.56 16.56 11.20
C GLU B 211 2.30 16.05 9.95
N SER B 212 2.74 16.96 9.09
CA SER B 212 3.50 16.58 7.88
C SER B 212 4.81 15.89 8.26
N LEU B 213 5.45 16.36 9.33
CA LEU B 213 6.77 15.79 9.74
C LEU B 213 6.57 14.33 10.16
N LYS B 214 5.52 14.05 10.92
CA LYS B 214 5.21 12.66 11.33
C LYS B 214 4.90 11.82 10.09
N MET B 215 4.16 12.37 9.15
CA MET B 215 3.89 11.66 7.87
C MET B 215 5.21 11.31 7.15
N TRP B 216 6.13 12.28 7.03
CA TRP B 216 7.42 12.05 6.33
C TRP B 216 8.23 10.98 7.07
N LYS B 217 8.22 11.00 8.40
CA LYS B 217 8.93 9.97 9.22
C LYS B 217 8.36 8.57 8.92
N ARG B 218 7.03 8.47 8.82
CA ARG B 218 6.34 7.18 8.56
C ARG B 218 6.65 6.70 7.15
N TYR B 219 6.59 7.60 6.15
CA TYR B 219 6.81 7.24 4.73
C TYR B 219 8.28 6.91 4.47
N PHE B 220 9.19 7.74 4.92
CA PHE B 220 10.65 7.51 4.77
C PHE B 220 11.13 6.71 5.99
N HIS B 221 11.02 5.38 5.93
CA HIS B 221 11.38 4.48 7.08
C HIS B 221 12.88 4.52 7.39
N ARG B 222 13.69 5.02 6.47
CA ARG B 222 15.16 5.15 6.67
C ARG B 222 15.52 6.64 6.73
N GLY B 223 14.52 7.49 6.91
CA GLY B 223 14.80 8.92 6.81
C GLY B 223 14.94 9.72 8.09
N LEU B 224 15.70 10.81 8.01
CA LEU B 224 15.79 11.79 9.11
C LEU B 224 14.95 13.00 8.68
N VAL B 225 13.97 13.34 9.48
CA VAL B 225 13.04 14.43 9.11
C VAL B 225 13.40 15.72 9.87
N PHE B 226 13.62 16.80 9.14
CA PHE B 226 13.91 18.12 9.76
C PHE B 226 12.79 19.12 9.41
N GLY B 227 12.29 19.80 10.42
CA GLY B 227 11.21 20.79 10.30
C GLY B 227 11.71 22.16 10.78
N MET B 228 11.65 23.15 9.90
CA MET B 228 12.15 24.52 10.21
C MET B 228 10.96 25.45 10.42
N ASP B 229 11.02 26.26 11.47
CA ASP B 229 9.94 27.22 11.80
C ASP B 229 10.54 28.40 12.57
N VAL B 230 9.95 29.58 12.41
CA VAL B 230 10.40 30.80 13.13
C VAL B 230 10.02 30.64 14.61
N PHE B 231 9.00 29.82 14.88
CA PHE B 231 8.57 29.58 16.28
C PHE B 231 9.14 28.26 16.80
N ASP B 232 9.26 28.13 18.13
CA ASP B 232 9.80 26.89 18.74
C ASP B 232 8.84 25.72 18.50
N LYS B 233 9.39 24.55 18.18
CA LYS B 233 8.56 23.35 17.93
C LYS B 233 9.27 22.16 18.59
N SER B 234 10.14 22.44 19.56
CA SER B 234 10.97 21.41 20.23
C SER B 234 10.12 20.33 20.89
N PHE B 235 8.88 20.65 21.21
CA PHE B 235 7.96 19.67 21.85
C PHE B 235 7.65 18.51 20.90
N LEU B 236 7.84 18.68 19.60
CA LEU B 236 7.57 17.62 18.59
C LEU B 236 8.80 16.74 18.39
N ASP B 237 9.96 17.16 18.87
CA ASP B 237 11.22 16.42 18.62
C ASP B 237 11.10 14.97 19.07
N GLN B 238 11.52 14.05 18.21
CA GLN B 238 11.44 12.61 18.51
C GLN B 238 12.43 11.86 17.62
N GLN B 239 12.46 10.54 17.74
CA GLN B 239 13.38 9.72 16.93
C GLN B 239 13.16 10.08 15.45
N ARG B 240 14.24 10.41 14.74
CA ARG B 240 14.20 10.71 13.27
C ARG B 240 13.39 11.98 12.95
N LEU B 241 13.07 12.80 13.95
CA LEU B 241 12.25 14.02 13.72
C LEU B 241 12.81 15.17 14.57
N CYS B 242 13.47 16.10 13.91
CA CYS B 242 14.12 17.23 14.61
C CYS B 242 13.56 18.57 14.10
N THR B 243 13.06 19.39 15.02
CA THR B 243 12.57 20.74 14.67
C THR B 243 13.72 21.75 14.86
N VAL B 244 13.79 22.74 14.00
CA VAL B 244 14.86 23.78 14.07
C VAL B 244 14.20 25.17 14.01
N ARG B 245 14.55 26.05 14.94
CA ARG B 245 14.02 27.44 14.93
C ARG B 245 14.88 28.27 13.98
N ALA B 246 14.28 28.75 12.90
CA ALA B 246 15.02 29.52 11.88
C ALA B 246 14.04 30.30 10.99
N ASP B 247 14.53 31.32 10.30
CA ASP B 247 13.67 32.20 9.48
C ASP B 247 14.00 32.03 7.99
N GLN B 248 13.01 31.62 7.20
CA GLN B 248 13.22 31.35 5.75
C GLN B 248 13.44 32.67 4.98
N SER B 249 13.19 33.81 5.63
CA SER B 249 13.46 35.14 5.03
C SER B 249 14.94 35.50 5.14
N LYS B 250 15.68 34.84 6.03
CA LYS B 250 17.08 35.23 6.30
C LYS B 250 18.06 34.18 5.75
N PRO B 251 18.82 34.51 4.70
CA PRO B 251 19.74 33.55 4.09
C PRO B 251 20.72 32.91 5.08
N GLU B 252 21.16 33.65 6.10
CA GLU B 252 22.16 33.12 7.05
C GLU B 252 21.51 32.03 7.89
N GLU B 253 20.25 32.24 8.27
CA GLU B 253 19.55 31.24 9.11
C GLU B 253 19.31 29.96 8.28
N LEU B 254 18.98 30.11 7.00
CA LEU B 254 18.76 28.96 6.09
C LEU B 254 20.06 28.17 5.98
N ALA B 255 21.18 28.87 5.78
CA ALA B 255 22.48 28.21 5.61
C ALA B 255 22.87 27.48 6.90
N ALA B 256 22.57 28.07 8.05
CA ALA B 256 22.86 27.43 9.35
C ALA B 256 22.09 26.10 9.49
N VAL B 257 20.83 26.07 9.05
CA VAL B 257 20.05 24.80 9.05
C VAL B 257 20.79 23.75 8.22
N ASP B 258 21.23 24.12 7.02
CA ASP B 258 21.91 23.15 6.13
C ASP B 258 23.28 22.76 6.69
N ASP B 259 23.96 23.71 7.31
CA ASP B 259 25.33 23.47 7.84
C ASP B 259 25.25 22.47 8.99
N LYS B 260 24.18 22.54 9.78
CA LYS B 260 24.03 21.64 10.95
C LYS B 260 23.29 20.35 10.61
N TYR B 261 22.27 20.38 9.76
CA TYR B 261 21.42 19.18 9.56
C TYR B 261 21.45 18.62 8.12
N GLY B 262 22.16 19.28 7.22
CA GLY B 262 22.22 18.87 5.81
C GLY B 262 23.31 17.86 5.51
N PRO B 263 23.61 17.58 4.23
CA PRO B 263 22.80 18.06 3.11
C PRO B 263 21.43 17.36 2.95
N PHE B 264 20.48 18.07 2.34
CA PHE B 264 19.10 17.51 2.19
C PHE B 264 18.87 16.90 0.80
N ASP B 265 18.29 15.71 0.78
CA ASP B 265 17.90 15.06 -0.50
C ASP B 265 16.65 15.77 -1.02
N ILE B 266 15.80 16.23 -0.11
CA ILE B 266 14.49 16.84 -0.48
C ILE B 266 14.23 18.06 0.40
N ILE B 267 13.79 19.14 -0.22
CA ILE B 267 13.40 20.36 0.53
C ILE B 267 12.00 20.77 0.09
N ILE B 268 11.14 21.01 1.05
CA ILE B 268 9.74 21.39 0.77
C ILE B 268 9.46 22.76 1.39
N ASP B 269 8.99 23.68 0.58
CA ASP B 269 8.59 25.01 1.10
C ASP B 269 7.08 25.00 1.39
N ASP B 270 6.70 24.94 2.65
CA ASP B 270 5.28 25.04 3.07
C ASP B 270 5.24 26.03 4.24
N GLY B 271 5.94 27.14 4.10
CA GLY B 271 6.07 28.05 5.24
C GLY B 271 5.22 29.29 5.15
N SER B 272 5.86 30.47 5.23
CA SER B 272 5.17 31.78 5.18
C SER B 272 4.26 31.91 3.96
N HIS B 273 4.68 31.39 2.81
CA HIS B 273 3.96 31.55 1.52
C HIS B 273 4.20 33.00 1.04
N ILE B 274 5.03 33.75 1.77
CA ILE B 274 5.38 35.15 1.36
C ILE B 274 6.31 35.04 0.14
N ASN B 275 5.95 35.75 -0.94
CA ASN B 275 6.60 35.60 -2.27
C ASN B 275 8.12 35.73 -2.09
N GLY B 276 8.61 36.77 -1.40
CA GLY B 276 10.05 37.02 -1.22
C GLY B 276 10.73 35.91 -0.41
N HIS B 277 10.04 35.35 0.57
CA HIS B 277 10.59 34.25 1.41
C HIS B 277 10.78 32.98 0.57
N VAL B 278 9.81 32.68 -0.30
CA VAL B 278 9.91 31.51 -1.22
C VAL B 278 11.15 31.70 -2.10
N ARG B 279 11.35 32.89 -2.64
CA ARG B 279 12.49 33.17 -3.55
C ARG B 279 13.81 33.10 -2.78
N THR B 280 13.86 33.73 -1.61
CA THR B 280 15.10 33.75 -0.80
C THR B 280 15.47 32.30 -0.46
N SER B 281 14.48 31.53 0.00
CA SER B 281 14.71 30.12 0.40
C SER B 281 15.26 29.32 -0.79
N LEU B 282 14.73 29.52 -1.99
CA LEU B 282 15.17 28.72 -3.18
C LEU B 282 16.59 29.13 -3.61
N GLU B 283 16.86 30.44 -3.61
CA GLU B 283 18.18 30.96 -4.02
C GLU B 283 19.28 30.44 -3.07
N THR B 284 19.00 30.40 -1.78
CA THR B 284 20.00 29.96 -0.77
C THR B 284 20.11 28.43 -0.72
N LEU B 285 19.00 27.69 -0.68
CA LEU B 285 19.05 26.21 -0.46
C LEU B 285 19.17 25.38 -1.77
N PHE B 286 18.76 25.89 -2.92
CA PHE B 286 18.88 25.05 -4.14
C PHE B 286 20.34 24.67 -4.41
N PRO B 287 21.32 25.57 -4.25
CA PRO B 287 22.73 25.21 -4.40
C PRO B 287 23.23 24.23 -3.32
N ARG B 288 22.54 24.15 -2.18
CA ARG B 288 22.91 23.23 -1.07
C ARG B 288 22.19 21.88 -1.21
N LEU B 289 21.10 21.85 -1.97
CA LEU B 289 20.31 20.61 -2.20
C LEU B 289 21.19 19.59 -2.90
N ARG B 290 21.06 18.34 -2.49
CA ARG B 290 21.83 17.26 -3.15
C ARG B 290 21.52 17.25 -4.64
N SER B 291 22.54 17.08 -5.46
CA SER B 291 22.25 16.89 -6.89
C SER B 291 21.44 15.59 -7.03
N GLY B 292 20.40 15.59 -7.86
CA GLY B 292 19.50 14.43 -7.95
C GLY B 292 18.37 14.55 -6.95
N GLY B 293 18.40 15.59 -6.15
CA GLY B 293 17.31 15.85 -5.19
C GLY B 293 16.15 16.65 -5.77
N VAL B 294 15.13 16.90 -4.94
CA VAL B 294 13.92 17.60 -5.40
C VAL B 294 13.59 18.78 -4.47
N TYR B 295 13.31 19.94 -5.05
CA TYR B 295 12.86 21.11 -4.27
C TYR B 295 11.37 21.29 -4.60
N VAL B 296 10.57 21.41 -3.57
CA VAL B 296 9.10 21.48 -3.77
C VAL B 296 8.57 22.80 -3.19
N ILE B 297 7.73 23.47 -3.95
CA ILE B 297 7.11 24.73 -3.47
C ILE B 297 5.59 24.52 -3.41
N GLU B 298 5.04 24.57 -2.22
CA GLU B 298 3.58 24.41 -2.03
C GLU B 298 2.88 25.78 -1.98
N ASP B 299 1.57 25.81 -2.24
CA ASP B 299 0.74 27.04 -2.12
C ASP B 299 1.19 28.16 -3.07
N LEU B 300 1.25 27.90 -4.37
CA LEU B 300 1.58 28.93 -5.39
C LEU B 300 0.50 30.04 -5.45
N TRP B 301 -0.66 29.83 -4.85
CA TRP B 301 -1.79 30.79 -4.91
C TRP B 301 -1.41 32.16 -4.32
N THR B 302 -0.48 32.19 -3.36
CA THR B 302 -0.04 33.45 -2.69
C THR B 302 0.57 34.39 -3.73
N THR B 303 0.92 33.87 -4.90
CA THR B 303 1.41 34.70 -6.01
C THR B 303 0.45 35.87 -6.29
N TYR B 304 -0.85 35.68 -6.05
CA TYR B 304 -1.86 36.70 -6.38
C TYR B 304 -2.39 37.42 -5.14
N ALA B 305 -1.82 37.13 -3.98
CA ALA B 305 -2.34 37.71 -2.73
C ALA B 305 -1.42 38.80 -2.19
N PRO B 306 -1.86 40.08 -2.23
CA PRO B 306 -1.05 41.20 -1.74
C PRO B 306 -0.61 41.01 -0.29
N GLY B 307 -1.49 40.45 0.55
CA GLY B 307 -1.14 40.14 1.94
C GLY B 307 0.05 39.21 2.06
N PHE B 308 0.46 38.58 0.96
CA PHE B 308 1.64 37.67 0.93
C PHE B 308 2.75 38.28 0.06
N GLY B 309 2.69 39.58 -0.26
CA GLY B 309 3.72 40.20 -1.13
C GLY B 309 3.46 39.79 -2.56
N GLY B 310 2.24 39.38 -2.86
CA GLY B 310 1.82 38.95 -4.21
C GLY B 310 1.16 40.11 -4.91
N GLN B 311 0.74 39.92 -6.15
CA GLN B 311 0.01 40.99 -6.89
C GLN B 311 -1.26 40.40 -7.50
N ALA B 312 -2.39 41.08 -7.31
CA ALA B 312 -3.68 40.58 -7.84
C ALA B 312 -3.74 40.88 -9.34
N GLN B 313 -2.89 40.21 -10.11
CA GLN B 313 -2.78 40.47 -11.55
C GLN B 313 -2.41 39.18 -12.29
N CYS B 314 -2.79 39.06 -13.55
CA CYS B 314 -2.37 37.91 -14.41
C CYS B 314 -2.20 38.50 -15.81
N PRO B 315 -1.01 38.43 -16.44
CA PRO B 315 0.08 37.54 -15.99
C PRO B 315 0.65 37.90 -14.61
N ALA B 316 1.15 36.90 -13.90
CA ALA B 316 1.70 37.11 -12.55
C ALA B 316 2.81 38.16 -12.62
N ALA B 317 2.85 39.03 -11.62
CA ALA B 317 3.85 40.11 -11.59
C ALA B 317 5.25 39.58 -11.30
N PRO B 318 6.31 40.14 -11.89
CA PRO B 318 7.67 39.76 -11.54
C PRO B 318 7.86 39.78 -10.02
N GLY B 319 8.65 38.85 -9.50
CA GLY B 319 8.85 38.75 -8.05
C GLY B 319 7.76 37.91 -7.38
N THR B 320 6.87 37.32 -8.18
CA THR B 320 5.81 36.43 -7.65
C THR B 320 6.20 34.98 -7.98
N THR B 321 5.71 34.01 -7.21
CA THR B 321 6.14 32.60 -7.40
C THR B 321 5.84 32.10 -8.83
N VAL B 322 4.65 32.38 -9.36
CA VAL B 322 4.29 31.92 -10.75
C VAL B 322 5.26 32.54 -11.77
N SER B 323 5.59 33.82 -11.65
CA SER B 323 6.60 34.45 -12.54
C SER B 323 7.95 33.74 -12.42
N LEU B 324 8.37 33.44 -11.19
CA LEU B 324 9.63 32.70 -10.97
C LEU B 324 9.58 31.34 -11.68
N LEU B 325 8.51 30.60 -11.51
CA LEU B 325 8.34 29.26 -12.13
C LEU B 325 8.44 29.36 -13.66
N LYS B 326 7.84 30.41 -14.23
CA LYS B 326 7.87 30.61 -15.70
C LYS B 326 9.30 30.90 -16.16
N ASN B 327 10.03 31.69 -15.38
CA ASN B 327 11.44 32.01 -15.73
C ASN B 327 12.29 30.74 -15.59
N LEU B 328 12.08 29.96 -14.53
CA LEU B 328 12.78 28.65 -14.37
C LEU B 328 12.50 27.77 -15.59
N LEU B 329 11.24 27.79 -16.06
CA LEU B 329 10.86 27.00 -17.26
C LEU B 329 11.73 27.40 -18.45
N GLU B 330 11.80 28.70 -18.75
CA GLU B 330 12.66 29.21 -19.85
C GLU B 330 14.13 28.91 -19.56
N GLY B 331 14.54 29.01 -18.31
CA GLY B 331 15.93 28.75 -17.92
C GLY B 331 16.44 27.37 -18.31
N VAL B 332 15.55 26.37 -18.30
CA VAL B 332 15.98 24.98 -18.64
C VAL B 332 16.43 24.97 -20.11
N GLN B 333 15.91 25.90 -20.91
CA GLN B 333 16.27 25.99 -22.35
C GLN B 333 17.40 27.01 -22.57
N HIS B 334 18.16 27.37 -21.53
CA HIS B 334 19.18 28.44 -21.62
C HIS B 334 20.11 28.23 -22.83
N GLU B 335 20.43 26.99 -23.13
CA GLU B 335 21.42 26.70 -24.20
C GLU B 335 20.84 27.04 -25.58
N GLU B 336 19.53 27.19 -25.69
CA GLU B 336 18.88 27.42 -27.02
C GLU B 336 18.53 28.89 -27.16
N GLN B 337 18.70 29.64 -26.07
CA GLN B 337 18.36 31.08 -26.06
C GLN B 337 19.40 31.90 -26.81
N PRO B 338 19.00 33.04 -27.43
CA PRO B 338 19.95 33.94 -28.06
C PRO B 338 20.82 34.54 -26.94
N HIS B 339 22.13 34.42 -27.08
CA HIS B 339 23.04 34.92 -26.04
C HIS B 339 24.39 35.31 -26.63
N ALA B 340 25.09 36.22 -25.95
CA ALA B 340 26.49 36.51 -26.36
C ALA B 340 27.26 35.21 -26.06
N GLY B 341 28.22 34.86 -26.90
CA GLY B 341 29.03 33.66 -26.62
C GLY B 341 29.60 33.67 -25.21
N SER B 342 29.89 34.85 -24.66
CA SER B 342 30.51 34.96 -23.32
C SER B 342 29.51 34.59 -22.21
N TYR B 343 28.23 34.47 -22.55
CA TYR B 343 27.20 34.20 -21.51
C TYR B 343 27.59 33.04 -20.61
N GLU B 344 27.35 33.21 -19.32
CA GLU B 344 27.55 32.09 -18.37
C GLU B 344 26.18 31.81 -17.76
N PRO B 345 25.67 30.56 -17.86
CA PRO B 345 24.40 30.23 -17.25
C PRO B 345 24.32 30.48 -15.73
N SER B 346 23.17 30.94 -15.26
CA SER B 346 22.94 31.11 -13.81
C SER B 346 22.97 29.75 -13.10
N TYR B 347 22.99 29.76 -11.78
CA TYR B 347 23.00 28.48 -11.02
C TYR B 347 21.73 27.70 -11.36
N LEU B 348 20.57 28.35 -11.29
CA LEU B 348 19.27 27.66 -11.53
C LEU B 348 19.20 27.14 -12.98
N GLU B 349 19.76 27.89 -13.92
CA GLU B 349 19.74 27.49 -15.35
C GLU B 349 20.57 26.22 -15.53
N ARG B 350 21.72 26.16 -14.89
CA ARG B 350 22.65 25.01 -15.04
C ARG B 350 22.23 23.81 -14.17
N ASN B 351 21.49 24.04 -13.10
CA ASN B 351 21.20 22.95 -12.13
C ASN B 351 19.70 22.55 -12.05
N LEU B 352 18.85 23.12 -12.91
CA LEU B 352 17.43 22.72 -12.95
C LEU B 352 17.22 21.87 -14.21
N VAL B 353 16.98 20.57 -14.02
CA VAL B 353 16.86 19.62 -15.16
C VAL B 353 15.39 19.28 -15.45
N GLY B 354 14.51 19.52 -14.49
CA GLY B 354 13.09 19.21 -14.69
C GLY B 354 12.18 20.10 -13.86
N LEU B 355 11.11 20.61 -14.48
CA LEU B 355 10.11 21.42 -13.75
C LEU B 355 8.73 20.79 -13.89
N HIS B 356 8.10 20.49 -12.78
CA HIS B 356 6.77 19.82 -12.74
C HIS B 356 5.79 20.80 -12.11
N THR B 357 4.88 21.31 -12.91
CA THR B 357 3.87 22.26 -12.38
C THR B 357 2.49 21.59 -12.31
N TYR B 358 1.88 21.62 -11.15
CA TYR B 358 0.50 21.11 -10.95
C TYR B 358 -0.30 22.25 -10.29
N HIS B 359 -1.54 22.00 -9.92
CA HIS B 359 -2.33 23.02 -9.19
C HIS B 359 -1.75 23.28 -7.80
N ASN B 360 -1.31 24.50 -7.53
CA ASN B 360 -0.86 24.93 -6.18
C ASN B 360 0.44 24.26 -5.70
N ILE B 361 1.21 23.64 -6.60
CA ILE B 361 2.47 22.94 -6.22
C ILE B 361 3.41 22.80 -7.40
N ALA B 362 4.70 22.97 -7.15
CA ALA B 362 5.71 22.76 -8.20
C ALA B 362 6.85 21.89 -7.67
N PHE B 363 7.34 21.00 -8.52
CA PHE B 363 8.48 20.12 -8.15
C PHE B 363 9.67 20.48 -9.04
N LEU B 364 10.80 20.78 -8.41
CA LEU B 364 12.04 21.13 -9.14
C LEU B 364 13.04 19.98 -8.97
N GLU B 365 13.51 19.44 -10.08
CA GLU B 365 14.51 18.38 -10.06
C GLU B 365 15.90 19.01 -10.24
N LYS B 366 16.76 18.78 -9.28
CA LYS B 366 18.15 19.30 -9.40
C LYS B 366 19.07 18.27 -10.06
N GLY B 367 19.84 18.72 -11.04
CA GLY B 367 20.81 17.87 -11.73
C GLY B 367 21.68 18.73 -12.63
N VAL B 368 22.41 18.11 -13.54
CA VAL B 368 23.30 18.84 -14.49
C VAL B 368 22.51 19.14 -15.77
N ASN B 369 22.14 20.40 -15.98
CA ASN B 369 21.47 20.82 -17.24
C ASN B 369 22.56 21.27 -18.20
N ALA B 370 23.23 20.32 -18.84
CA ALA B 370 24.38 20.65 -19.70
C ALA B 370 24.54 19.57 -20.77
N GLU B 371 23.48 19.30 -21.52
CA GLU B 371 23.55 18.33 -22.64
C GLU B 371 24.02 19.06 -23.90
N GLY B 372 24.06 20.38 -23.87
CA GLY B 372 24.45 21.17 -25.06
C GLY B 372 23.27 21.66 -25.87
N GLY B 373 23.35 22.88 -26.40
CA GLY B 373 22.29 23.39 -27.29
C GLY B 373 22.31 22.69 -28.64
N VAL B 374 21.33 22.98 -29.46
CA VAL B 374 21.25 22.33 -30.79
C VAL B 374 22.50 22.76 -31.56
N PRO B 375 23.25 21.83 -32.17
CA PRO B 375 24.49 22.21 -32.83
C PRO B 375 24.29 23.22 -33.97
N ALA B 376 25.32 24.03 -34.22
CA ALA B 376 25.28 25.05 -35.29
C ALA B 376 25.02 24.43 -36.66
N TRP B 377 25.43 23.18 -36.86
CA TRP B 377 25.31 22.52 -38.19
C TRP B 377 23.90 21.99 -38.43
N VAL B 378 22.96 22.27 -37.52
CA VAL B 378 21.55 21.87 -37.75
C VAL B 378 20.87 23.02 -38.50
N PRO B 379 20.26 22.76 -39.67
CA PRO B 379 19.58 23.80 -40.43
C PRO B 379 18.58 24.57 -39.57
N ARG B 380 18.62 25.90 -39.63
CA ARG B 380 17.73 26.74 -38.80
C ARG B 380 16.79 27.56 -39.69
N SER B 381 16.77 27.25 -40.99
CA SER B 381 15.99 28.04 -41.97
C SER B 381 15.90 27.26 -43.28
N LEU B 382 14.88 27.53 -44.12
CA LEU B 382 14.86 26.90 -45.46
C LEU B 382 16.07 27.41 -46.23
N ASP B 383 16.55 28.61 -45.89
CA ASP B 383 17.79 29.14 -46.52
C ASP B 383 18.93 28.16 -46.25
N ASP B 384 19.08 27.76 -44.98
CA ASP B 384 20.14 26.78 -44.62
C ASP B 384 19.80 25.43 -45.25
N ILE B 385 18.52 25.06 -45.28
CA ILE B 385 18.12 23.79 -45.93
C ILE B 385 18.58 23.83 -47.38
N LEU B 386 18.35 24.96 -48.06
CA LEU B 386 18.71 25.07 -49.51
C LEU B 386 20.19 25.47 -49.62
#